data_3ETH
#
_entry.id   3ETH
#
_cell.length_a   57.101
_cell.length_b   57.109
_cell.length_c   59.215
_cell.angle_alpha   77.460
_cell.angle_beta   82.390
_cell.angle_gamma   77.260
#
_symmetry.space_group_name_H-M   'P 1'
#
loop_
_entity.id
_entity.type
_entity.pdbx_description
1 polymer 'Phosphoribosylaminoimidazole carboxylase ATPase subunit'
2 non-polymer "ADENOSINE-5'-TRIPHOSPHATE"
3 non-polymer 'MAGNESIUM ION'
4 water water
#
_entity_poly.entity_id   1
_entity_poly.type   'polypeptide(L)'
_entity_poly.pdbx_seq_one_letter_code
;MKQVCVLGNGQLGRMLRQAGEPLGIAVWPVGLDAEPAAVPFQQSVITAEIERWPETALTRQLARHPAFVNRDVFPIIADR
LTQKQLFDKLHLPTAPWQLLAERSEWPAVFDRLGELAIVKRRTGGYDGRGQWRLRANETEQLPAECYGECIVEQGINFSG
EVSLVGARGFDGSTVFYPLTHNLHQDGILRTSVAFPQANAQQQARAEEMLSAIMQELGYVGVMAMECFVTPQGLLINELA
PRVHNSGHWTQNGASISQFELHLRAITDLPLPQPVVNNPSVMINLIGSDVNYDWLKLPLVHLHWYDKEVRPGRKVGHLNL
TDSDTSRLTATLEALIPLLPPEYASGVIWAQSKFG
;
_entity_poly.pdbx_strand_id   A,B
#
loop_
_chem_comp.id
_chem_comp.type
_chem_comp.name
_chem_comp.formula
ATP non-polymer ADENOSINE-5'-TRIPHOSPHATE 'C10 H16 N5 O13 P3'
MG non-polymer 'MAGNESIUM ION' 'Mg 2'
#
# COMPACT_ATOMS: atom_id res chain seq x y z
N MET A 1 18.30 1.80 -9.08
CA MET A 1 16.87 1.98 -8.86
C MET A 1 16.13 2.37 -10.13
N LYS A 2 15.66 1.38 -10.88
CA LYS A 2 14.89 1.64 -12.08
C LYS A 2 14.13 2.94 -12.00
N GLN A 3 13.99 3.50 -13.19
CA GLN A 3 13.28 4.74 -13.46
C GLN A 3 12.24 4.43 -14.53
N VAL A 4 11.02 4.90 -14.34
CA VAL A 4 9.98 4.71 -15.34
C VAL A 4 9.29 6.06 -15.38
N CYS A 5 8.91 6.42 -16.60
CA CYS A 5 8.17 7.64 -16.87
C CYS A 5 6.81 7.16 -17.38
N VAL A 6 5.74 7.75 -16.88
CA VAL A 6 4.43 7.35 -17.38
C VAL A 6 3.81 8.53 -18.15
N LEU A 7 3.45 8.32 -19.41
CA LEU A 7 2.86 9.41 -20.17
C LEU A 7 1.41 9.50 -19.68
N GLY A 8 1.09 10.73 -19.26
CA GLY A 8 -0.25 10.98 -18.75
C GLY A 8 -0.15 11.33 -17.25
N ASN A 9 -0.95 12.31 -16.88
CA ASN A 9 -1.00 12.81 -15.52
C ASN A 9 -2.18 12.48 -14.58
N GLY A 10 -2.86 11.37 -14.85
CA GLY A 10 -4.04 11.04 -14.05
C GLY A 10 -3.83 10.12 -12.86
N GLN A 11 -4.98 9.67 -12.35
CA GLN A 11 -4.84 8.85 -11.15
C GLN A 11 -4.09 7.55 -11.39
N LEU A 12 -4.19 7.05 -12.62
CA LEU A 12 -3.52 5.78 -12.95
C LEU A 12 -2.01 5.90 -12.77
N GLY A 13 -1.49 7.01 -13.28
CA GLY A 13 -0.05 7.24 -13.13
C GLY A 13 0.35 7.42 -11.68
N ARG A 14 -0.54 8.09 -10.96
CA ARG A 14 -0.23 8.32 -9.57
C ARG A 14 -0.16 6.98 -8.81
N MET A 15 -1.11 6.08 -9.11
CA MET A 15 -1.17 4.79 -8.43
C MET A 15 0.01 3.94 -8.83
N LEU A 16 0.49 4.13 -10.05
CA LEU A 16 1.69 3.39 -10.49
C LEU A 16 2.87 3.90 -9.69
N ARG A 17 2.99 5.23 -9.47
CA ARG A 17 4.10 5.82 -8.69
C ARG A 17 4.06 5.33 -7.24
N GLN A 18 2.86 5.31 -6.65
CA GLN A 18 2.70 4.81 -5.29
C GLN A 18 3.14 3.35 -5.27
N ALA A 19 2.75 2.53 -6.22
CA ALA A 19 3.18 1.14 -6.16
C ALA A 19 4.68 0.93 -6.35
N GLY A 20 5.27 1.76 -7.23
CA GLY A 20 6.68 1.63 -7.55
C GLY A 20 7.60 1.91 -6.39
N GLU A 21 7.24 2.90 -5.58
CA GLU A 21 8.14 3.32 -4.50
C GLU A 21 8.72 2.25 -3.56
N PRO A 22 7.88 1.49 -2.90
CA PRO A 22 8.41 0.50 -1.96
C PRO A 22 9.16 -0.54 -2.79
N LEU A 23 8.93 -0.69 -4.09
CA LEU A 23 9.71 -1.71 -4.81
C LEU A 23 11.08 -1.14 -5.25
N GLY A 24 11.37 0.12 -4.95
CA GLY A 24 12.64 0.67 -5.40
C GLY A 24 12.55 1.17 -6.86
N ILE A 25 11.36 1.46 -7.38
CA ILE A 25 11.29 1.92 -8.79
C ILE A 25 10.73 3.31 -8.76
N ALA A 26 11.49 4.27 -9.28
CA ALA A 26 11.06 5.67 -9.29
C ALA A 26 10.18 5.85 -10.53
N VAL A 27 8.94 6.33 -10.34
CA VAL A 27 8.01 6.51 -11.46
C VAL A 27 7.64 7.97 -11.58
N TRP A 28 7.81 8.49 -12.79
CA TRP A 28 7.54 9.93 -13.04
C TRP A 28 6.37 10.12 -14.01
N PRO A 29 5.23 10.55 -13.50
CA PRO A 29 4.07 10.80 -14.37
C PRO A 29 4.33 12.13 -15.08
N VAL A 30 4.21 12.10 -16.41
CA VAL A 30 4.40 13.31 -17.24
C VAL A 30 3.21 13.63 -18.12
N GLY A 31 2.67 14.81 -17.87
CA GLY A 31 1.54 15.20 -18.72
C GLY A 31 2.02 15.55 -20.13
N LEU A 32 1.06 15.58 -21.05
CA LEU A 32 1.34 15.88 -22.45
C LEU A 32 1.96 17.23 -22.68
N ASP A 33 1.62 18.17 -21.80
CA ASP A 33 2.11 19.53 -21.93
C ASP A 33 3.40 19.69 -21.14
N ALA A 34 3.97 18.59 -20.66
CA ALA A 34 5.20 18.75 -19.89
C ALA A 34 6.35 19.26 -20.75
N GLU A 35 7.36 19.78 -20.07
CA GLU A 35 8.55 20.27 -20.74
C GLU A 35 9.46 19.01 -20.74
N PRO A 36 9.83 18.59 -21.95
CA PRO A 36 10.69 17.40 -22.13
C PRO A 36 12.06 17.56 -21.43
N ALA A 37 12.55 18.80 -21.43
CA ALA A 37 13.83 19.18 -20.85
C ALA A 37 13.91 18.78 -19.36
N ALA A 38 12.74 18.75 -18.74
CA ALA A 38 12.55 18.42 -17.33
C ALA A 38 12.38 16.92 -17.09
N VAL A 39 12.06 16.19 -18.16
CA VAL A 39 11.83 14.76 -18.15
C VAL A 39 13.04 13.81 -18.27
N PRO A 40 13.22 12.91 -17.29
CA PRO A 40 14.33 11.96 -17.32
C PRO A 40 13.94 10.77 -18.19
N PHE A 41 13.46 11.09 -19.39
CA PHE A 41 12.99 10.02 -20.26
C PHE A 41 14.12 9.23 -20.84
N GLN A 42 15.28 9.86 -20.94
CA GLN A 42 16.46 9.20 -21.45
C GLN A 42 16.94 7.96 -20.63
N GLN A 43 16.95 8.09 -19.30
CA GLN A 43 17.38 7.04 -18.39
C GLN A 43 16.26 6.13 -17.90
N SER A 44 15.12 6.26 -18.55
CA SER A 44 13.90 5.53 -18.15
C SER A 44 13.22 4.62 -19.14
N VAL A 45 12.44 3.70 -18.60
CA VAL A 45 11.56 2.84 -19.42
C VAL A 45 10.28 3.73 -19.50
N ILE A 46 9.71 3.92 -20.69
CA ILE A 46 8.51 4.74 -20.81
C ILE A 46 7.25 3.89 -20.98
N THR A 47 6.22 4.25 -20.22
CA THR A 47 4.92 3.60 -20.28
C THR A 47 3.86 4.72 -20.40
N ALA A 48 2.58 4.39 -20.52
CA ALA A 48 1.60 5.48 -20.62
C ALA A 48 0.31 5.02 -20.01
N GLU A 49 -0.47 5.99 -19.55
CA GLU A 49 -1.77 5.63 -19.01
C GLU A 49 -2.84 6.13 -19.97
N ILE A 50 -2.43 6.59 -21.16
CA ILE A 50 -3.31 7.10 -22.22
C ILE A 50 -2.93 6.34 -23.48
N GLU A 51 -3.75 6.41 -24.53
CA GLU A 51 -3.49 5.62 -25.74
C GLU A 51 -3.42 6.44 -26.98
N ARG A 52 -3.67 7.73 -26.82
CA ARG A 52 -3.61 8.54 -28.05
C ARG A 52 -3.32 9.94 -27.53
N TRP A 53 -2.71 10.77 -28.37
CA TRP A 53 -2.40 12.11 -27.92
C TRP A 53 -2.05 12.98 -29.14
N PRO A 54 -2.10 14.27 -28.89
CA PRO A 54 -1.75 15.21 -29.94
C PRO A 54 -0.22 15.26 -29.92
N GLU A 55 0.33 15.92 -30.92
CA GLU A 55 1.77 16.14 -31.01
C GLU A 55 2.17 17.38 -30.20
N THR A 56 3.12 17.21 -29.29
CA THR A 56 3.65 18.26 -28.44
C THR A 56 5.19 18.11 -28.42
N ALA A 57 5.82 19.11 -27.83
CA ALA A 57 7.28 19.06 -27.72
C ALA A 57 7.55 17.82 -26.91
N LEU A 58 6.74 17.54 -25.89
CA LEU A 58 7.02 16.32 -25.12
C LEU A 58 6.83 15.07 -26.00
N THR A 59 5.68 14.92 -26.66
CA THR A 59 5.47 13.72 -27.45
C THR A 59 6.43 13.57 -28.61
N ARG A 60 6.87 14.67 -29.20
CA ARG A 60 7.84 14.55 -30.28
C ARG A 60 9.15 13.95 -29.77
N GLN A 61 9.54 14.27 -28.55
CA GLN A 61 10.79 13.76 -27.97
C GLN A 61 10.59 12.27 -27.75
N LEU A 62 9.43 11.94 -27.18
CA LEU A 62 9.16 10.56 -26.85
C LEU A 62 9.24 9.65 -28.03
N ALA A 63 8.75 10.23 -29.12
CA ALA A 63 8.62 9.55 -30.41
C ALA A 63 9.82 8.67 -30.72
N ARG A 64 10.99 9.30 -30.60
CA ARG A 64 12.31 8.72 -30.88
C ARG A 64 12.93 7.98 -29.68
N HIS A 65 12.13 7.67 -28.66
CA HIS A 65 12.67 6.94 -27.52
C HIS A 65 12.70 5.44 -27.82
N PRO A 66 13.85 4.81 -27.60
CA PRO A 66 13.92 3.39 -27.87
C PRO A 66 12.97 2.54 -27.02
N ALA A 67 12.97 2.81 -25.72
CA ALA A 67 12.18 2.07 -24.74
C ALA A 67 10.81 2.55 -24.27
N PHE A 68 9.93 2.87 -25.22
CA PHE A 68 8.57 3.31 -24.91
C PHE A 68 7.81 1.98 -25.09
N VAL A 69 7.57 1.27 -24.00
CA VAL A 69 6.99 -0.05 -24.15
C VAL A 69 5.62 -0.03 -24.77
N ASN A 70 5.39 -0.87 -25.77
CA ASN A 70 4.09 -0.95 -26.44
C ASN A 70 3.69 0.22 -27.31
N ARG A 71 4.66 1.10 -27.50
CA ARG A 71 4.41 2.29 -28.30
C ARG A 71 3.49 2.05 -29.52
N ASP A 72 3.80 1.01 -30.30
CA ASP A 72 3.10 0.65 -31.55
C ASP A 72 1.77 -0.06 -31.35
N VAL A 73 1.56 -0.54 -30.15
CA VAL A 73 0.32 -1.22 -29.91
C VAL A 73 -0.77 -0.18 -29.69
N PHE A 74 -0.49 0.94 -29.03
CA PHE A 74 -1.57 1.88 -28.79
C PHE A 74 -2.50 2.31 -29.93
N PRO A 75 -1.93 2.62 -31.08
CA PRO A 75 -2.82 3.11 -32.13
C PRO A 75 -3.80 2.04 -32.60
N ILE A 76 -3.37 0.80 -32.54
CA ILE A 76 -4.23 -0.27 -32.99
C ILE A 76 -5.38 -0.35 -32.02
N ILE A 77 -5.06 -0.27 -30.75
CA ILE A 77 -6.15 -0.37 -29.79
C ILE A 77 -6.91 0.94 -29.67
N ALA A 78 -6.24 2.09 -29.84
CA ALA A 78 -6.89 3.40 -29.73
C ALA A 78 -8.04 3.63 -30.74
N ASP A 79 -7.97 2.99 -31.89
CA ASP A 79 -9.04 3.09 -32.89
C ASP A 79 -9.94 1.83 -32.77
N ARG A 80 -11.19 2.06 -32.41
CA ARG A 80 -12.15 0.95 -32.27
C ARG A 80 -12.25 0.07 -33.54
N LEU A 81 -12.16 0.72 -34.69
CA LEU A 81 -12.24 -0.09 -35.90
C LEU A 81 -11.11 -1.16 -35.93
N THR A 82 -9.87 -0.71 -35.74
CA THR A 82 -8.70 -1.59 -35.76
C THR A 82 -8.72 -2.58 -34.60
N GLN A 83 -9.27 -2.16 -33.47
CA GLN A 83 -9.38 -3.06 -32.33
C GLN A 83 -10.37 -4.14 -32.70
N LYS A 84 -11.51 -3.74 -33.25
CA LYS A 84 -12.53 -4.75 -33.61
C LYS A 84 -11.97 -5.69 -34.65
N GLN A 85 -11.26 -5.15 -35.62
CA GLN A 85 -10.66 -6.02 -36.63
C GLN A 85 -9.70 -7.05 -36.02
N LEU A 86 -9.00 -6.64 -34.95
CA LEU A 86 -8.08 -7.54 -34.24
C LEU A 86 -8.85 -8.72 -33.66
N PHE A 87 -9.99 -8.45 -33.05
CA PHE A 87 -10.73 -9.58 -32.52
C PHE A 87 -11.14 -10.47 -33.70
N ASP A 88 -11.60 -9.86 -34.80
CA ASP A 88 -12.08 -10.65 -35.93
C ASP A 88 -10.96 -11.55 -36.43
N LYS A 89 -9.78 -10.97 -36.64
CA LYS A 89 -8.63 -11.70 -37.12
C LYS A 89 -8.38 -12.95 -36.28
N LEU A 90 -8.40 -12.73 -34.97
CA LEU A 90 -8.12 -13.78 -34.02
C LEU A 90 -9.33 -14.64 -33.72
N HIS A 91 -10.39 -14.45 -34.49
CA HIS A 91 -11.57 -15.28 -34.24
C HIS A 91 -12.15 -15.13 -32.83
N LEU A 92 -11.99 -13.97 -32.22
CA LEU A 92 -12.58 -13.79 -30.90
C LEU A 92 -14.05 -13.26 -30.85
N PRO A 93 -14.92 -13.90 -30.07
CA PRO A 93 -16.30 -13.39 -29.98
C PRO A 93 -16.48 -11.93 -29.55
N THR A 94 -17.21 -11.21 -30.37
CA THR A 94 -17.45 -9.82 -30.06
C THR A 94 -18.75 -9.46 -30.74
N ALA A 95 -19.31 -8.30 -30.43
CA ALA A 95 -20.55 -7.84 -31.06
C ALA A 95 -20.37 -7.59 -32.54
N PRO A 96 -21.31 -8.07 -33.36
CA PRO A 96 -21.26 -7.79 -34.81
C PRO A 96 -21.27 -6.27 -34.96
N TRP A 97 -20.55 -5.77 -35.96
CA TRP A 97 -20.43 -4.33 -36.10
C TRP A 97 -19.94 -3.98 -37.52
N GLN A 98 -19.68 -2.69 -37.72
CA GLN A 98 -19.10 -2.14 -38.93
C GLN A 98 -18.85 -0.68 -38.68
N LEU A 99 -18.02 -0.18 -39.59
CA LEU A 99 -17.67 1.21 -39.59
C LEU A 99 -19.03 1.77 -40.01
N LEU A 100 -19.36 2.97 -39.54
CA LEU A 100 -20.60 3.63 -39.92
C LEU A 100 -20.10 4.80 -40.76
N ALA A 101 -20.14 4.61 -42.08
CA ALA A 101 -19.64 5.62 -43.04
C ALA A 101 -20.46 6.88 -43.42
N GLU A 102 -21.77 6.74 -43.50
CA GLU A 102 -22.58 7.92 -43.84
C GLU A 102 -24.02 7.51 -43.66
N ARG A 103 -24.84 8.53 -43.56
CA ARG A 103 -26.28 8.45 -43.30
C ARG A 103 -26.99 7.34 -44.05
N SER A 104 -26.63 7.28 -45.32
CA SER A 104 -27.25 6.32 -46.19
C SER A 104 -27.08 4.89 -45.72
N GLU A 105 -26.11 4.54 -44.90
CA GLU A 105 -26.04 3.11 -44.58
C GLU A 105 -27.00 2.46 -43.59
N TRP A 106 -27.78 3.32 -42.93
CA TRP A 106 -28.66 2.92 -41.86
C TRP A 106 -29.51 1.69 -42.11
N PRO A 107 -30.09 1.62 -43.29
CA PRO A 107 -30.93 0.47 -43.60
C PRO A 107 -30.27 -0.88 -43.53
N ALA A 108 -29.07 -0.91 -44.07
CA ALA A 108 -28.31 -2.13 -44.09
C ALA A 108 -27.81 -2.38 -42.63
N VAL A 109 -27.52 -1.30 -41.89
CA VAL A 109 -27.07 -1.49 -40.52
C VAL A 109 -28.09 -2.26 -39.68
N PHE A 110 -29.33 -1.79 -39.60
CA PHE A 110 -30.35 -2.48 -38.79
C PHE A 110 -30.73 -3.82 -39.36
N ASP A 111 -30.58 -3.91 -40.68
CA ASP A 111 -30.89 -5.16 -41.33
C ASP A 111 -29.83 -6.07 -40.73
N ARG A 112 -28.58 -5.63 -40.76
CA ARG A 112 -27.50 -6.45 -40.20
C ARG A 112 -27.51 -6.65 -38.69
N LEU A 113 -27.63 -5.57 -37.91
CA LEU A 113 -27.55 -5.67 -36.45
C LEU A 113 -28.76 -5.81 -35.57
N GLY A 114 -29.97 -5.63 -36.08
CA GLY A 114 -31.06 -5.76 -35.13
C GLY A 114 -31.72 -4.42 -34.82
N GLU A 115 -32.62 -4.44 -33.86
CA GLU A 115 -33.39 -3.23 -33.51
C GLU A 115 -32.58 -2.10 -32.88
N LEU A 116 -31.58 -2.47 -32.08
CA LEU A 116 -30.80 -1.49 -31.34
C LEU A 116 -29.35 -1.44 -31.78
N ALA A 117 -28.93 -0.24 -32.21
CA ALA A 117 -27.57 -0.06 -32.70
C ALA A 117 -26.83 0.75 -31.65
N ILE A 118 -25.56 0.41 -31.46
CA ILE A 118 -24.73 1.10 -30.50
C ILE A 118 -23.61 1.65 -31.35
N VAL A 119 -23.69 2.96 -31.46
CA VAL A 119 -22.74 3.76 -32.22
C VAL A 119 -21.67 4.28 -31.22
N LYS A 120 -20.40 4.10 -31.60
CA LYS A 120 -19.23 4.51 -30.81
C LYS A 120 -18.15 5.21 -31.63
N ARG A 121 -17.70 6.37 -31.13
CA ARG A 121 -16.62 7.12 -31.74
C ARG A 121 -15.41 6.19 -31.84
N ARG A 122 -14.75 6.19 -32.99
CA ARG A 122 -13.59 5.32 -33.07
C ARG A 122 -12.51 5.69 -32.08
N THR A 123 -12.34 6.97 -31.75
CA THR A 123 -11.27 7.24 -30.81
C THR A 123 -11.74 8.23 -29.78
N GLY A 124 -11.00 8.20 -28.67
CA GLY A 124 -11.23 9.09 -27.56
C GLY A 124 -12.38 8.89 -26.59
N GLY A 125 -13.22 7.89 -26.84
CA GLY A 125 -14.32 7.70 -25.91
C GLY A 125 -13.90 7.10 -24.57
N TYR A 126 -14.62 7.49 -23.53
CA TYR A 126 -14.38 6.92 -22.21
C TYR A 126 -15.70 7.21 -21.48
N ASP A 127 -15.92 6.42 -20.45
CA ASP A 127 -17.14 6.57 -19.64
C ASP A 127 -18.43 6.69 -20.49
N GLY A 128 -18.48 6.13 -21.70
CA GLY A 128 -19.73 6.23 -22.48
C GLY A 128 -19.91 7.55 -23.25
N ARG A 129 -18.96 8.47 -23.16
CA ARG A 129 -19.12 9.72 -23.92
C ARG A 129 -18.86 9.30 -25.36
N GLY A 130 -19.53 9.86 -26.35
CA GLY A 130 -19.18 9.39 -27.68
C GLY A 130 -19.84 8.06 -28.00
N GLN A 131 -20.88 7.74 -27.26
CA GLN A 131 -21.64 6.53 -27.51
C GLN A 131 -23.14 6.87 -27.67
N TRP A 132 -23.82 6.33 -28.68
CA TRP A 132 -25.26 6.51 -28.91
C TRP A 132 -25.99 5.15 -29.01
N ARG A 133 -27.19 5.07 -28.49
CA ARG A 133 -27.93 3.80 -28.53
C ARG A 133 -29.17 4.24 -29.29
N LEU A 134 -29.25 3.77 -30.54
CA LEU A 134 -30.30 4.15 -31.48
C LEU A 134 -31.11 3.03 -32.12
N ARG A 135 -32.38 3.38 -32.37
CA ARG A 135 -33.32 2.49 -32.99
C ARG A 135 -33.55 3.08 -34.34
N ALA A 136 -34.15 2.22 -35.14
CA ALA A 136 -34.38 2.57 -36.52
C ALA A 136 -34.93 3.97 -36.84
N ASN A 137 -35.81 4.48 -35.99
CA ASN A 137 -36.41 5.79 -36.20
C ASN A 137 -35.67 6.85 -35.41
N GLU A 138 -34.45 6.56 -34.96
CA GLU A 138 -33.81 7.62 -34.19
C GLU A 138 -32.48 8.06 -34.79
N THR A 139 -32.14 7.49 -35.93
CA THR A 139 -30.86 7.86 -36.49
C THR A 139 -30.65 9.36 -36.66
N GLU A 140 -31.69 10.17 -36.81
CA GLU A 140 -31.40 11.59 -36.99
C GLU A 140 -30.73 12.32 -35.83
N GLN A 141 -30.67 11.64 -34.69
CA GLN A 141 -30.03 12.24 -33.52
C GLN A 141 -28.51 12.18 -33.64
N LEU A 142 -27.99 11.27 -34.46
CA LEU A 142 -26.54 11.15 -34.57
C LEU A 142 -25.93 12.35 -35.31
N PRO A 143 -24.95 12.99 -34.70
CA PRO A 143 -24.28 14.14 -35.31
C PRO A 143 -23.59 13.78 -36.62
N ALA A 144 -23.72 14.67 -37.60
CA ALA A 144 -23.12 14.40 -38.90
C ALA A 144 -21.64 14.03 -38.81
N GLU A 145 -20.97 14.69 -37.85
CA GLU A 145 -19.57 14.55 -37.48
C GLU A 145 -19.27 13.09 -37.39
N CYS A 146 -20.22 12.32 -36.87
CA CYS A 146 -19.98 10.89 -36.68
C CYS A 146 -19.81 10.05 -37.92
N TYR A 147 -20.33 10.52 -39.04
CA TYR A 147 -20.17 9.71 -40.23
C TYR A 147 -18.71 9.58 -40.61
N GLY A 148 -18.31 8.33 -40.78
CA GLY A 148 -16.91 8.00 -41.04
C GLY A 148 -16.04 7.94 -39.76
N GLU A 149 -16.47 8.54 -38.65
CA GLU A 149 -15.71 8.58 -37.40
C GLU A 149 -16.15 7.68 -36.27
N CYS A 150 -17.09 6.77 -36.57
CA CYS A 150 -17.68 5.88 -35.61
C CYS A 150 -17.92 4.47 -36.09
N ILE A 151 -17.91 3.50 -35.16
CA ILE A 151 -18.28 2.14 -35.58
C ILE A 151 -19.69 2.01 -35.01
N VAL A 152 -20.40 0.97 -35.46
CA VAL A 152 -21.74 0.69 -34.96
C VAL A 152 -21.80 -0.78 -34.58
N GLU A 153 -22.30 -1.11 -33.41
CA GLU A 153 -22.34 -2.53 -33.05
C GLU A 153 -23.74 -2.93 -32.63
N GLN A 154 -23.93 -4.24 -32.63
CA GLN A 154 -25.20 -4.84 -32.21
C GLN A 154 -25.34 -4.57 -30.70
N GLY A 155 -26.54 -4.21 -30.25
CA GLY A 155 -26.85 -3.97 -28.84
C GLY A 155 -26.81 -5.36 -28.23
N ILE A 156 -25.92 -5.59 -27.25
CA ILE A 156 -25.87 -6.92 -26.62
C ILE A 156 -26.67 -7.00 -25.32
N ASN A 157 -27.54 -8.00 -25.17
CA ASN A 157 -28.27 -8.08 -23.90
C ASN A 157 -27.56 -9.07 -22.96
N PHE A 158 -26.50 -8.58 -22.35
CA PHE A 158 -25.77 -9.48 -21.47
C PHE A 158 -26.46 -9.60 -20.09
N SER A 159 -26.13 -10.66 -19.38
CA SER A 159 -26.71 -10.89 -18.07
C SER A 159 -25.74 -10.20 -17.09
N GLY A 160 -24.53 -9.87 -17.52
CA GLY A 160 -23.63 -9.17 -16.58
C GLY A 160 -22.37 -8.78 -17.31
N GLU A 161 -21.50 -7.99 -16.67
CA GLU A 161 -20.25 -7.59 -17.31
C GLU A 161 -19.05 -8.03 -16.48
N VAL A 162 -18.02 -8.54 -17.14
CA VAL A 162 -16.85 -8.96 -16.34
C VAL A 162 -15.60 -8.53 -17.09
N SER A 163 -14.51 -8.26 -16.37
CA SER A 163 -13.27 -7.93 -17.06
C SER A 163 -12.23 -8.86 -16.48
N LEU A 164 -11.25 -9.14 -17.34
CA LEU A 164 -10.06 -9.97 -17.03
C LEU A 164 -8.86 -9.00 -17.14
N VAL A 165 -8.09 -8.89 -16.06
CA VAL A 165 -6.91 -8.04 -16.05
C VAL A 165 -5.80 -9.08 -15.89
N GLY A 166 -4.70 -8.86 -16.63
CA GLY A 166 -3.58 -9.79 -16.49
C GLY A 166 -2.42 -9.08 -17.12
N ALA A 167 -1.35 -9.84 -17.26
CA ALA A 167 -0.14 -9.26 -17.82
C ALA A 167 0.67 -10.30 -18.60
N ARG A 168 1.48 -9.76 -19.49
CA ARG A 168 2.40 -10.52 -20.35
C ARG A 168 3.79 -9.96 -20.11
N GLY A 169 4.73 -10.90 -19.95
CA GLY A 169 6.12 -10.57 -19.68
C GLY A 169 6.83 -10.43 -21.02
N PHE A 170 8.02 -9.86 -21.01
CA PHE A 170 8.82 -9.76 -22.23
C PHE A 170 9.13 -11.17 -22.77
N ASP A 171 9.10 -12.21 -21.94
CA ASP A 171 9.40 -13.53 -22.46
C ASP A 171 8.15 -14.25 -22.84
N GLY A 172 7.04 -13.54 -22.92
CA GLY A 172 5.80 -14.22 -23.30
C GLY A 172 5.01 -14.83 -22.14
N SER A 173 5.53 -14.89 -20.93
CA SER A 173 4.71 -15.47 -19.87
C SER A 173 3.47 -14.63 -19.57
N THR A 174 2.41 -15.27 -19.10
CA THR A 174 1.29 -14.38 -18.80
C THR A 174 0.77 -14.77 -17.48
N VAL A 175 0.13 -13.83 -16.83
CA VAL A 175 -0.48 -14.10 -15.54
C VAL A 175 -1.78 -13.30 -15.47
N PHE A 176 -2.74 -13.87 -14.75
CA PHE A 176 -4.06 -13.26 -14.67
C PHE A 176 -4.64 -13.13 -13.29
N TYR A 177 -5.59 -12.21 -13.10
CA TYR A 177 -6.25 -12.16 -11.81
C TYR A 177 -7.54 -12.89 -12.13
N PRO A 178 -8.33 -13.24 -11.12
CA PRO A 178 -9.65 -13.87 -11.41
C PRO A 178 -10.50 -12.79 -12.11
N LEU A 179 -11.53 -13.20 -12.84
CA LEU A 179 -12.41 -12.26 -13.50
C LEU A 179 -13.05 -11.36 -12.47
N THR A 180 -13.30 -10.10 -12.83
CA THR A 180 -13.94 -9.14 -11.89
C THR A 180 -15.32 -8.79 -12.44
N HIS A 181 -16.33 -8.72 -11.57
CA HIS A 181 -17.70 -8.35 -11.98
C HIS A 181 -17.79 -6.83 -11.92
N ASN A 182 -18.25 -6.24 -13.02
CA ASN A 182 -18.36 -4.79 -13.08
C ASN A 182 -19.75 -4.26 -13.26
N LEU A 183 -20.11 -3.22 -12.53
CA LEU A 183 -21.39 -2.54 -12.66
C LEU A 183 -21.21 -1.12 -13.28
N HIS A 184 -21.86 -0.84 -14.40
CA HIS A 184 -21.75 0.49 -15.00
C HIS A 184 -23.11 1.16 -15.01
N GLN A 185 -23.15 2.43 -14.69
CA GLN A 185 -24.42 3.11 -14.70
C GLN A 185 -24.14 4.44 -15.43
N ASP A 186 -24.98 4.72 -16.41
CA ASP A 186 -24.83 5.94 -17.19
C ASP A 186 -23.46 6.04 -17.85
N GLY A 187 -23.04 4.88 -18.35
CA GLY A 187 -21.78 4.73 -19.04
C GLY A 187 -20.51 4.69 -18.21
N ILE A 188 -20.55 5.00 -16.92
CA ILE A 188 -19.32 4.95 -16.12
C ILE A 188 -19.32 3.78 -15.10
N LEU A 189 -18.15 3.16 -14.89
CA LEU A 189 -18.06 2.09 -13.88
C LEU A 189 -18.38 2.59 -12.48
N ARG A 190 -19.21 1.85 -11.76
CA ARG A 190 -19.53 2.31 -10.41
C ARG A 190 -18.99 1.39 -9.32
N THR A 191 -18.97 0.09 -9.59
CA THR A 191 -18.59 -0.93 -8.62
C THR A 191 -18.06 -2.19 -9.26
N SER A 192 -17.14 -2.81 -8.54
CA SER A 192 -16.51 -4.03 -9.02
C SER A 192 -16.51 -5.01 -7.83
N VAL A 193 -16.66 -6.30 -8.11
CA VAL A 193 -16.61 -7.28 -7.03
C VAL A 193 -15.79 -8.44 -7.60
N ALA A 194 -14.79 -8.93 -6.88
CA ALA A 194 -14.00 -10.04 -7.39
C ALA A 194 -14.00 -11.25 -6.41
N PHE A 195 -14.05 -12.49 -6.90
CA PHE A 195 -13.97 -13.66 -6.03
C PHE A 195 -12.69 -14.39 -6.41
N PRO A 196 -12.14 -15.06 -5.42
CA PRO A 196 -10.92 -15.81 -5.57
C PRO A 196 -11.07 -16.84 -6.68
N GLN A 197 -12.24 -17.48 -6.78
CA GLN A 197 -12.45 -18.47 -7.83
C GLN A 197 -13.64 -18.04 -8.67
N ALA A 198 -13.44 -17.72 -9.95
CA ALA A 198 -14.56 -17.36 -10.86
C ALA A 198 -15.13 -18.61 -11.56
N ASN A 199 -16.16 -18.48 -12.40
CA ASN A 199 -16.78 -19.62 -13.11
C ASN A 199 -15.57 -20.11 -13.84
N ALA A 200 -15.18 -21.34 -13.58
CA ALA A 200 -13.99 -21.88 -14.21
C ALA A 200 -13.99 -21.83 -15.73
N GLN A 201 -15.19 -21.97 -16.31
CA GLN A 201 -15.27 -21.97 -17.75
C GLN A 201 -15.06 -20.58 -18.31
N GLN A 202 -15.69 -19.63 -17.62
CA GLN A 202 -15.60 -18.23 -18.05
C GLN A 202 -14.15 -17.81 -17.92
N GLN A 203 -13.52 -18.24 -16.83
CA GLN A 203 -12.12 -17.85 -16.57
C GLN A 203 -11.21 -18.40 -17.67
N ALA A 204 -11.41 -19.65 -18.06
CA ALA A 204 -10.52 -20.15 -19.09
C ALA A 204 -10.80 -19.45 -20.43
N ARG A 205 -12.07 -19.23 -20.79
CA ARG A 205 -12.41 -18.62 -22.08
C ARG A 205 -11.69 -17.25 -22.15
N ALA A 206 -11.88 -16.44 -21.11
CA ALA A 206 -11.23 -15.13 -21.05
C ALA A 206 -9.70 -15.17 -21.17
N GLU A 207 -9.09 -16.08 -20.39
CA GLU A 207 -7.62 -16.18 -20.45
C GLU A 207 -7.16 -16.57 -21.84
N GLU A 208 -7.85 -17.52 -22.45
CA GLU A 208 -7.41 -17.85 -23.79
C GLU A 208 -7.49 -16.62 -24.76
N MET A 209 -8.56 -15.83 -24.66
CA MET A 209 -8.73 -14.66 -25.50
C MET A 209 -7.69 -13.59 -25.24
N LEU A 210 -7.57 -13.23 -23.97
CA LEU A 210 -6.58 -12.21 -23.63
C LEU A 210 -5.16 -12.61 -24.03
N SER A 211 -4.86 -13.88 -23.77
CA SER A 211 -3.56 -14.45 -24.13
C SER A 211 -3.27 -14.32 -25.63
N ALA A 212 -4.27 -14.66 -26.43
CA ALA A 212 -4.10 -14.59 -27.89
C ALA A 212 -3.84 -13.16 -28.33
N ILE A 213 -4.57 -12.26 -27.70
CA ILE A 213 -4.38 -10.85 -28.02
C ILE A 213 -2.99 -10.36 -27.59
N MET A 214 -2.60 -10.59 -26.33
CA MET A 214 -1.30 -10.05 -25.96
C MET A 214 -0.13 -10.57 -26.77
N GLN A 215 -0.26 -11.85 -27.10
CA GLN A 215 0.72 -12.49 -27.94
C GLN A 215 0.73 -11.87 -29.36
N GLU A 216 -0.46 -11.74 -29.94
CA GLU A 216 -0.52 -11.23 -31.30
C GLU A 216 0.06 -9.86 -31.34
N LEU A 217 -0.30 -9.07 -30.33
CA LEU A 217 0.24 -7.73 -30.23
C LEU A 217 1.70 -7.69 -29.74
N GLY A 218 2.21 -8.74 -29.10
CA GLY A 218 3.57 -8.73 -28.55
C GLY A 218 3.58 -7.69 -27.40
N TYR A 219 2.45 -7.57 -26.71
CA TYR A 219 2.34 -6.63 -25.62
C TYR A 219 2.98 -7.09 -24.31
N VAL A 220 3.57 -6.11 -23.64
CA VAL A 220 4.24 -6.34 -22.35
C VAL A 220 3.69 -5.36 -21.31
N GLY A 221 3.19 -5.90 -20.22
CA GLY A 221 2.62 -5.05 -19.17
C GLY A 221 1.24 -5.57 -18.93
N VAL A 222 0.44 -4.78 -18.19
CA VAL A 222 -0.95 -5.10 -17.86
C VAL A 222 -1.93 -4.61 -18.93
N MET A 223 -2.93 -5.45 -19.24
CA MET A 223 -3.98 -5.09 -20.15
C MET A 223 -5.27 -5.60 -19.50
N ALA A 224 -6.37 -4.88 -19.72
CA ALA A 224 -7.68 -5.28 -19.20
C ALA A 224 -8.58 -5.55 -20.43
N MET A 225 -9.32 -6.67 -20.36
CA MET A 225 -10.28 -7.01 -21.39
C MET A 225 -11.70 -7.03 -20.77
N GLU A 226 -12.58 -6.10 -21.18
CA GLU A 226 -13.97 -5.96 -20.73
C GLU A 226 -14.79 -6.86 -21.67
N CYS A 227 -15.65 -7.64 -21.05
CA CYS A 227 -16.45 -8.61 -21.78
C CYS A 227 -17.85 -8.54 -21.27
N PHE A 228 -18.70 -9.14 -22.10
CA PHE A 228 -20.13 -9.27 -21.82
C PHE A 228 -20.40 -10.77 -21.66
N VAL A 229 -21.14 -11.07 -20.60
CA VAL A 229 -21.57 -12.44 -20.34
C VAL A 229 -22.92 -12.73 -21.06
N THR A 230 -22.89 -13.70 -21.98
CA THR A 230 -24.09 -14.14 -22.73
C THR A 230 -24.19 -15.65 -22.59
N PRO A 231 -25.36 -16.17 -22.94
CA PRO A 231 -25.58 -17.60 -22.82
C PRO A 231 -24.69 -18.38 -23.77
N GLN A 232 -24.03 -17.72 -24.72
CA GLN A 232 -23.15 -18.43 -25.65
C GLN A 232 -21.70 -18.35 -25.19
N GLY A 233 -21.50 -17.58 -24.12
CA GLY A 233 -20.16 -17.41 -23.58
C GLY A 233 -19.84 -15.92 -23.54
N LEU A 234 -18.60 -15.56 -23.31
CA LEU A 234 -18.34 -14.13 -23.26
C LEU A 234 -18.07 -13.51 -24.61
N LEU A 235 -18.39 -12.22 -24.66
CA LEU A 235 -18.08 -11.47 -25.88
C LEU A 235 -17.13 -10.36 -25.42
N ILE A 236 -16.14 -10.06 -26.23
CA ILE A 236 -15.28 -8.99 -25.77
C ILE A 236 -15.94 -7.68 -26.17
N ASN A 237 -15.97 -6.73 -25.23
CA ASN A 237 -16.54 -5.42 -25.49
C ASN A 237 -15.37 -4.52 -25.96
N GLU A 238 -14.35 -4.37 -25.12
CA GLU A 238 -13.21 -3.51 -25.45
C GLU A 238 -11.97 -3.81 -24.59
N LEU A 239 -10.84 -3.26 -25.00
CA LEU A 239 -9.60 -3.49 -24.29
C LEU A 239 -9.05 -2.14 -23.83
N ALA A 240 -8.26 -2.17 -22.75
CA ALA A 240 -7.53 -1.02 -22.19
C ALA A 240 -6.07 -1.47 -22.08
N PRO A 241 -5.18 -0.85 -22.85
CA PRO A 241 -3.77 -1.24 -22.85
C PRO A 241 -3.09 -0.60 -21.64
N ARG A 242 -3.45 -1.03 -20.43
CA ARG A 242 -2.87 -0.45 -19.24
C ARG A 242 -3.62 -1.02 -18.07
N VAL A 243 -3.25 -0.59 -16.85
CA VAL A 243 -3.94 -0.90 -15.58
C VAL A 243 -5.32 -0.26 -15.82
N HIS A 244 -6.32 -0.84 -15.17
CA HIS A 244 -7.68 -0.43 -15.44
C HIS A 244 -8.51 -0.27 -14.18
N ASN A 245 -9.50 0.60 -14.20
CA ASN A 245 -10.30 0.87 -13.02
C ASN A 245 -10.86 -0.40 -12.42
N SER A 246 -11.23 -1.33 -13.29
CA SER A 246 -11.83 -2.51 -12.71
C SER A 246 -10.82 -3.29 -11.85
N GLY A 247 -9.54 -3.08 -12.05
CA GLY A 247 -8.65 -3.88 -11.22
C GLY A 247 -8.12 -3.15 -10.00
N HIS A 248 -8.75 -2.07 -9.61
CA HIS A 248 -8.18 -1.36 -8.44
C HIS A 248 -8.28 -2.20 -7.18
N TRP A 249 -9.28 -3.10 -7.12
CA TRP A 249 -9.36 -3.91 -5.91
C TRP A 249 -8.06 -4.64 -5.59
N THR A 250 -7.27 -4.94 -6.62
CA THR A 250 -6.00 -5.65 -6.41
C THR A 250 -4.99 -4.91 -5.52
N GLN A 251 -5.19 -3.62 -5.29
CA GLN A 251 -4.25 -2.89 -4.44
C GLN A 251 -4.32 -3.46 -3.05
N ASN A 252 -5.50 -3.90 -2.65
CA ASN A 252 -5.72 -4.45 -1.32
C ASN A 252 -6.16 -5.91 -1.23
N GLY A 253 -6.62 -6.44 -2.34
CA GLY A 253 -7.07 -7.81 -2.37
C GLY A 253 -6.27 -8.90 -3.07
N ALA A 254 -5.05 -8.58 -3.53
CA ALA A 254 -4.16 -9.54 -4.21
C ALA A 254 -2.80 -9.33 -3.55
N SER A 255 -1.94 -10.32 -3.62
CA SER A 255 -0.60 -10.14 -3.07
C SER A 255 0.25 -9.22 -3.92
N ILE A 256 -0.06 -9.10 -5.21
CA ILE A 256 0.63 -8.18 -6.11
C ILE A 256 -0.47 -7.38 -6.84
N SER A 257 -0.41 -6.05 -6.73
CA SER A 257 -1.46 -5.25 -7.33
C SER A 257 -1.31 -5.11 -8.85
N GLN A 258 -2.34 -4.67 -9.56
CA GLN A 258 -2.17 -4.50 -10.99
C GLN A 258 -1.06 -3.46 -11.24
N PHE A 259 -0.90 -2.50 -10.36
CA PHE A 259 0.14 -1.47 -10.55
C PHE A 259 1.52 -2.08 -10.38
N GLU A 260 1.69 -2.91 -9.35
CA GLU A 260 2.99 -3.53 -9.17
C GLU A 260 3.23 -4.46 -10.34
N LEU A 261 2.17 -5.16 -10.76
CA LEU A 261 2.36 -6.14 -11.84
C LEU A 261 2.80 -5.52 -13.14
N HIS A 262 2.17 -4.38 -13.46
CA HIS A 262 2.60 -3.64 -14.67
C HIS A 262 4.06 -3.19 -14.58
N LEU A 263 4.48 -2.67 -13.41
CA LEU A 263 5.85 -2.22 -13.28
C LEU A 263 6.78 -3.42 -13.36
N ARG A 264 6.42 -4.57 -12.78
CA ARG A 264 7.28 -5.76 -12.86
C ARG A 264 7.50 -6.15 -14.33
N ALA A 265 6.39 -6.18 -15.06
CA ALA A 265 6.44 -6.54 -16.48
C ALA A 265 7.35 -5.60 -17.27
N ILE A 266 7.07 -4.31 -17.19
CA ILE A 266 7.83 -3.39 -18.00
C ILE A 266 9.29 -3.25 -17.65
N THR A 267 9.62 -3.60 -16.43
CA THR A 267 11.02 -3.49 -16.00
C THR A 267 11.64 -4.88 -15.99
N ASP A 268 10.91 -5.82 -16.52
CA ASP A 268 11.52 -7.11 -16.55
C ASP A 268 11.85 -7.77 -15.25
N LEU A 269 11.02 -7.56 -14.23
CA LEU A 269 11.23 -8.19 -12.92
C LEU A 269 10.36 -9.48 -12.91
N PRO A 270 10.42 -10.30 -11.85
CA PRO A 270 9.57 -11.50 -11.85
C PRO A 270 8.06 -11.21 -11.83
N LEU A 271 7.35 -12.07 -12.53
CA LEU A 271 5.90 -12.01 -12.67
C LEU A 271 5.23 -13.32 -12.28
N PRO A 272 5.32 -13.68 -11.00
CA PRO A 272 4.65 -14.89 -10.54
C PRO A 272 3.15 -14.54 -10.50
N GLN A 273 2.32 -15.55 -10.29
CA GLN A 273 0.87 -15.37 -10.18
C GLN A 273 0.46 -14.65 -8.86
N PRO A 274 -0.21 -13.49 -8.93
CA PRO A 274 -0.57 -12.85 -7.67
C PRO A 274 -1.44 -13.84 -6.89
N VAL A 275 -1.35 -13.83 -5.57
CA VAL A 275 -2.21 -14.70 -4.79
C VAL A 275 -3.49 -13.91 -4.47
N VAL A 276 -4.67 -14.49 -4.65
CA VAL A 276 -5.96 -13.83 -4.31
C VAL A 276 -6.70 -14.88 -3.47
N ASN A 277 -6.89 -14.61 -2.18
CA ASN A 277 -7.49 -15.65 -1.34
C ASN A 277 -8.91 -15.30 -0.95
N ASN A 278 -9.26 -14.02 -0.93
CA ASN A 278 -10.58 -13.61 -0.47
C ASN A 278 -11.24 -12.75 -1.53
N PRO A 279 -12.53 -12.48 -1.34
CA PRO A 279 -13.24 -11.63 -2.29
C PRO A 279 -12.91 -10.21 -1.94
N SER A 280 -13.21 -9.32 -2.89
CA SER A 280 -12.96 -7.90 -2.71
C SER A 280 -14.04 -7.09 -3.38
N VAL A 281 -14.33 -5.89 -2.86
CA VAL A 281 -15.30 -4.98 -3.51
C VAL A 281 -14.58 -3.64 -3.68
N MET A 282 -14.92 -2.90 -4.73
CA MET A 282 -14.37 -1.57 -4.95
C MET A 282 -15.56 -0.71 -5.33
N ILE A 283 -15.75 0.38 -4.61
CA ILE A 283 -16.79 1.36 -4.93
C ILE A 283 -16.08 2.59 -5.53
N ASN A 284 -16.46 3.01 -6.73
CA ASN A 284 -15.85 4.22 -7.30
C ASN A 284 -16.49 5.44 -6.66
N LEU A 285 -15.67 6.46 -6.39
CA LEU A 285 -16.16 7.71 -5.86
C LEU A 285 -16.18 8.63 -7.08
N ILE A 286 -17.37 9.12 -7.42
CA ILE A 286 -17.55 9.95 -8.61
C ILE A 286 -18.31 11.23 -8.25
N GLY A 287 -17.66 12.37 -8.49
CA GLY A 287 -18.24 13.69 -8.21
C GLY A 287 -18.60 14.00 -6.74
N SER A 288 -18.12 13.21 -5.78
CA SER A 288 -18.43 13.41 -4.35
C SER A 288 -17.16 13.84 -3.58
N ASP A 289 -17.40 14.60 -2.53
CA ASP A 289 -16.25 15.03 -1.74
C ASP A 289 -15.87 13.88 -0.81
N VAL A 290 -14.63 13.92 -0.36
CA VAL A 290 -14.23 12.90 0.59
C VAL A 290 -15.04 13.07 1.90
N ASN A 291 -15.38 11.95 2.54
CA ASN A 291 -16.11 11.97 3.80
C ASN A 291 -15.26 11.03 4.67
N TYR A 292 -14.53 11.59 5.61
CA TYR A 292 -13.69 10.72 6.41
C TYR A 292 -14.53 9.81 7.33
N ASP A 293 -15.84 9.99 7.37
CA ASP A 293 -16.57 9.08 8.22
C ASP A 293 -16.39 7.68 7.65
N TRP A 294 -16.10 7.60 6.36
CA TRP A 294 -15.93 6.27 5.78
C TRP A 294 -14.87 5.51 6.58
N LEU A 295 -13.92 6.26 7.12
CA LEU A 295 -12.79 5.62 7.82
C LEU A 295 -13.14 5.03 9.16
N LYS A 296 -14.40 5.22 9.61
CA LYS A 296 -14.90 4.64 10.87
C LYS A 296 -15.06 3.15 10.71
N LEU A 297 -15.16 2.74 9.45
CA LEU A 297 -15.34 1.30 9.14
C LEU A 297 -13.95 0.71 8.85
N PRO A 298 -13.41 -0.10 9.78
CA PRO A 298 -12.03 -0.58 9.60
C PRO A 298 -11.55 -1.34 8.40
N LEU A 299 -12.49 -1.95 7.69
CA LEU A 299 -12.11 -2.66 6.46
C LEU A 299 -12.01 -1.74 5.27
N VAL A 300 -12.50 -0.52 5.36
CA VAL A 300 -12.49 0.38 4.21
C VAL A 300 -11.12 1.02 3.92
N HIS A 301 -10.62 0.80 2.70
CA HIS A 301 -9.36 1.35 2.25
C HIS A 301 -9.73 2.51 1.35
N LEU A 302 -9.39 3.73 1.78
CA LEU A 302 -9.62 4.93 1.00
C LEU A 302 -8.46 5.19 0.02
N HIS A 303 -8.82 5.44 -1.24
CA HIS A 303 -7.84 5.73 -2.30
C HIS A 303 -8.37 7.02 -2.93
N TRP A 304 -7.82 8.13 -2.43
CA TRP A 304 -8.24 9.47 -2.85
C TRP A 304 -7.31 10.01 -3.92
N TYR A 305 -7.86 10.59 -4.98
CA TYR A 305 -7.03 11.01 -6.06
C TYR A 305 -6.47 12.40 -6.04
N ASP A 306 -6.86 13.21 -5.07
CA ASP A 306 -6.32 14.56 -4.98
C ASP A 306 -6.67 15.26 -6.28
N LYS A 307 -7.89 15.04 -6.78
CA LYS A 307 -8.37 15.66 -8.00
C LYS A 307 -9.43 16.64 -7.59
N GLU A 308 -9.69 17.60 -8.46
CA GLU A 308 -10.71 18.58 -8.11
C GLU A 308 -12.05 17.87 -8.21
N VAL A 309 -12.88 18.00 -7.19
CA VAL A 309 -14.20 17.36 -7.29
C VAL A 309 -15.14 18.06 -8.28
N ARG A 310 -15.64 17.41 -9.33
CA ARG A 310 -16.60 18.02 -10.23
C ARG A 310 -17.54 16.88 -10.57
N PRO A 311 -18.72 17.22 -11.06
CA PRO A 311 -19.67 16.16 -11.37
C PRO A 311 -19.15 15.16 -12.38
N GLY A 312 -19.51 13.91 -12.18
CA GLY A 312 -19.12 12.90 -13.17
C GLY A 312 -17.64 12.51 -13.19
N ARG A 313 -16.80 13.20 -12.41
CA ARG A 313 -15.36 12.89 -12.33
C ARG A 313 -14.95 11.76 -11.36
N LYS A 314 -14.08 10.82 -11.77
CA LYS A 314 -13.61 9.88 -10.79
C LYS A 314 -12.65 10.62 -9.86
N VAL A 315 -13.01 10.59 -8.57
CA VAL A 315 -12.25 11.25 -7.52
C VAL A 315 -11.50 10.32 -6.58
N GLY A 316 -11.85 9.03 -6.56
CA GLY A 316 -11.12 8.08 -5.71
C GLY A 316 -11.90 6.79 -5.78
N HIS A 317 -11.55 5.85 -4.91
CA HIS A 317 -12.28 4.60 -4.83
C HIS A 317 -12.07 4.07 -3.41
N LEU A 318 -12.98 3.18 -3.01
CA LEU A 318 -12.90 2.57 -1.69
C LEU A 318 -12.77 1.07 -1.95
N ASN A 319 -11.79 0.42 -1.31
CA ASN A 319 -11.66 -1.03 -1.51
C ASN A 319 -11.96 -1.72 -0.18
N LEU A 320 -12.53 -2.93 -0.22
CA LEU A 320 -12.71 -3.69 1.03
C LEU A 320 -12.50 -5.14 0.64
N THR A 321 -11.80 -5.87 1.50
CA THR A 321 -11.56 -7.30 1.27
C THR A 321 -11.55 -8.00 2.61
N ASP A 322 -12.05 -9.23 2.62
CA ASP A 322 -12.06 -9.99 3.85
C ASP A 322 -12.42 -11.40 3.47
N SER A 323 -12.00 -12.38 4.25
CA SER A 323 -12.41 -13.73 3.91
C SER A 323 -13.88 -13.99 4.32
N ASP A 324 -14.40 -13.20 5.25
CA ASP A 324 -15.79 -13.37 5.64
C ASP A 324 -16.79 -12.44 4.86
N THR A 325 -17.49 -13.00 3.87
CA THR A 325 -18.42 -12.18 3.12
C THR A 325 -19.49 -11.50 3.94
N SER A 326 -19.79 -11.98 5.15
CA SER A 326 -20.78 -11.32 5.99
C SER A 326 -20.19 -9.98 6.40
N ARG A 327 -18.88 -9.99 6.63
CA ARG A 327 -18.30 -8.75 7.05
C ARG A 327 -18.35 -7.72 5.95
N LEU A 328 -18.16 -8.25 4.75
CA LEU A 328 -18.15 -7.35 3.62
C LEU A 328 -19.53 -6.76 3.47
N THR A 329 -20.54 -7.64 3.50
CA THR A 329 -21.90 -7.14 3.32
C THR A 329 -22.26 -6.09 4.41
N ALA A 330 -21.79 -6.37 5.61
CA ALA A 330 -22.11 -5.46 6.69
C ALA A 330 -21.41 -4.15 6.49
N THR A 331 -20.18 -4.21 5.99
CA THR A 331 -19.42 -2.97 5.77
C THR A 331 -20.13 -2.14 4.70
N LEU A 332 -20.58 -2.87 3.68
CA LEU A 332 -21.32 -2.23 2.61
C LEU A 332 -22.58 -1.51 3.14
N GLU A 333 -23.32 -2.25 3.94
CA GLU A 333 -24.57 -1.74 4.49
C GLU A 333 -24.24 -0.46 5.28
N ALA A 334 -23.17 -0.49 6.07
CA ALA A 334 -22.82 0.70 6.85
C ALA A 334 -22.38 1.87 5.96
N LEU A 335 -21.89 1.53 4.77
CA LEU A 335 -21.47 2.63 3.90
C LEU A 335 -22.63 3.41 3.27
N ILE A 336 -23.77 2.74 3.05
CA ILE A 336 -24.89 3.40 2.36
C ILE A 336 -25.26 4.75 2.91
N PRO A 337 -25.51 4.84 4.22
CA PRO A 337 -25.88 6.12 4.76
C PRO A 337 -24.73 7.13 4.74
N LEU A 338 -23.51 6.66 4.47
CA LEU A 338 -22.36 7.56 4.42
C LEU A 338 -22.02 7.98 2.99
N LEU A 339 -22.83 7.63 1.98
CA LEU A 339 -22.54 7.98 0.58
C LEU A 339 -23.75 8.66 0.04
N PRO A 340 -23.60 9.45 -1.00
CA PRO A 340 -24.75 10.14 -1.62
C PRO A 340 -25.70 9.08 -2.12
N PRO A 341 -26.93 9.48 -2.39
CA PRO A 341 -27.94 8.53 -2.80
C PRO A 341 -27.65 7.71 -3.99
N GLU A 342 -27.01 8.31 -5.00
CA GLU A 342 -26.76 7.58 -6.25
C GLU A 342 -25.83 6.41 -5.96
N TYR A 343 -25.20 6.33 -4.78
CA TYR A 343 -24.34 5.14 -4.60
C TYR A 343 -25.09 3.87 -4.15
N ALA A 344 -26.30 4.03 -3.62
CA ALA A 344 -27.02 2.87 -3.10
C ALA A 344 -27.15 1.72 -4.04
N SER A 345 -27.52 2.06 -5.26
CA SER A 345 -27.71 1.01 -6.24
C SER A 345 -26.45 0.14 -6.37
N GLY A 346 -25.28 0.74 -6.53
CA GLY A 346 -24.11 -0.10 -6.74
C GLY A 346 -23.67 -0.94 -5.53
N VAL A 347 -23.91 -0.31 -4.37
CA VAL A 347 -23.51 -0.90 -3.10
C VAL A 347 -24.40 -2.11 -2.92
N ILE A 348 -25.70 -1.95 -3.19
CA ILE A 348 -26.63 -3.07 -3.02
C ILE A 348 -26.36 -4.18 -4.03
N TRP A 349 -25.98 -3.78 -5.25
CA TRP A 349 -25.64 -4.73 -6.28
C TRP A 349 -24.40 -5.49 -5.76
N ALA A 350 -23.40 -4.81 -5.17
CA ALA A 350 -22.24 -5.57 -4.65
C ALA A 350 -22.67 -6.60 -3.58
N GLN A 351 -23.49 -6.15 -2.64
CA GLN A 351 -24.00 -7.02 -1.58
C GLN A 351 -24.66 -8.27 -2.19
N SER A 352 -25.42 -8.04 -3.25
CA SER A 352 -26.13 -9.18 -3.82
C SER A 352 -25.19 -10.21 -4.44
N LYS A 353 -23.98 -9.78 -4.79
CA LYS A 353 -23.02 -10.74 -5.34
C LYS A 353 -22.67 -11.76 -4.26
N PHE A 354 -22.83 -11.42 -2.99
CA PHE A 354 -22.52 -12.38 -1.95
C PHE A 354 -23.79 -13.01 -1.41
N GLY A 355 -24.92 -12.81 -2.07
CA GLY A 355 -26.17 -13.33 -1.53
C GLY A 355 -26.53 -14.71 -2.05
N MET B 1 -8.17 20.31 4.73
CA MET B 1 -7.36 19.22 4.17
C MET B 1 -6.01 19.01 4.85
N LYS B 2 -5.65 17.73 4.88
CA LYS B 2 -4.43 17.27 5.51
C LYS B 2 -3.02 17.59 5.02
N GLN B 3 -2.29 18.32 5.86
CA GLN B 3 -0.88 18.63 5.57
C GLN B 3 -0.16 18.22 6.87
N VAL B 4 0.82 17.33 6.78
CA VAL B 4 1.61 16.88 7.94
C VAL B 4 3.06 17.02 7.55
N CYS B 5 3.86 17.55 8.49
CA CYS B 5 5.33 17.64 8.32
C CYS B 5 5.86 16.61 9.33
N VAL B 6 6.88 15.85 8.93
CA VAL B 6 7.42 14.92 9.91
C VAL B 6 8.88 15.27 10.14
N LEU B 7 9.25 15.53 11.39
CA LEU B 7 10.66 15.85 11.67
C LEU B 7 11.48 14.54 11.51
N GLY B 8 12.44 14.61 10.60
CA GLY B 8 13.29 13.45 10.38
C GLY B 8 13.01 12.97 8.96
N ASN B 9 14.15 12.61 8.39
CA ASN B 9 14.32 12.15 7.03
C ASN B 9 14.55 10.66 6.78
N GLY B 10 14.20 9.80 7.73
CA GLY B 10 14.44 8.37 7.55
C GLY B 10 13.31 7.55 6.93
N GLN B 11 13.48 6.21 6.93
CA GLN B 11 12.46 5.36 6.30
C GLN B 11 11.08 5.46 6.97
N LEU B 12 11.08 5.77 8.27
CA LEU B 12 9.78 5.84 8.93
C LEU B 12 8.96 6.98 8.38
N GLY B 13 9.66 8.07 8.09
CA GLY B 13 8.92 9.22 7.54
C GLY B 13 8.44 8.93 6.17
N ARG B 14 9.33 8.23 5.45
CA ARG B 14 8.96 7.91 4.06
C ARG B 14 7.70 7.02 4.04
N MET B 15 7.63 6.07 4.98
CA MET B 15 6.50 5.17 5.03
C MET B 15 5.27 5.90 5.54
N LEU B 16 5.44 6.94 6.33
CA LEU B 16 4.28 7.73 6.76
C LEU B 16 3.79 8.46 5.54
N ARG B 17 4.70 9.02 4.76
CA ARG B 17 4.25 9.72 3.54
C ARG B 17 3.58 8.78 2.51
N GLN B 18 4.09 7.57 2.33
CA GLN B 18 3.45 6.67 1.40
C GLN B 18 2.05 6.38 1.94
N ALA B 19 1.87 6.20 3.23
CA ALA B 19 0.56 5.90 3.81
C ALA B 19 -0.41 7.06 3.71
N GLY B 20 0.08 8.27 3.90
CA GLY B 20 -0.84 9.37 3.87
C GLY B 20 -1.36 9.68 2.48
N GLU B 21 -0.58 9.47 1.44
CA GLU B 21 -1.07 9.84 0.11
C GLU B 21 -2.48 9.40 -0.31
N PRO B 22 -2.73 8.11 -0.23
CA PRO B 22 -4.05 7.60 -0.65
C PRO B 22 -5.12 8.11 0.30
N LEU B 23 -4.73 8.55 1.49
CA LEU B 23 -5.77 9.06 2.39
C LEU B 23 -6.05 10.54 2.14
N GLY B 24 -5.31 11.14 1.20
CA GLY B 24 -5.49 12.56 0.90
C GLY B 24 -4.72 13.40 1.93
N ILE B 25 -3.72 12.79 2.56
CA ILE B 25 -2.92 13.53 3.54
C ILE B 25 -1.52 13.67 2.96
N ALA B 26 -1.15 14.92 2.72
CA ALA B 26 0.13 15.33 2.19
C ALA B 26 1.16 15.34 3.35
N VAL B 27 2.15 14.45 3.28
CA VAL B 27 3.15 14.31 4.31
C VAL B 27 4.54 14.76 3.79
N TRP B 28 5.16 15.68 4.55
CA TRP B 28 6.45 16.25 4.23
C TRP B 28 7.55 15.83 5.25
N PRO B 29 8.43 14.91 4.87
CA PRO B 29 9.51 14.58 5.81
C PRO B 29 10.54 15.73 5.72
N VAL B 30 10.95 16.20 6.88
CA VAL B 30 11.94 17.27 6.99
C VAL B 30 13.15 16.82 7.81
N GLY B 31 14.32 16.85 7.15
CA GLY B 31 15.54 16.50 7.89
C GLY B 31 15.91 17.68 8.83
N LEU B 32 16.70 17.40 9.86
CA LEU B 32 17.11 18.44 10.83
C LEU B 32 17.85 19.62 10.24
N ASP B 33 18.49 19.37 9.11
CA ASP B 33 19.27 20.42 8.51
C ASP B 33 18.40 21.10 7.46
N ALA B 34 17.13 20.76 7.40
CA ALA B 34 16.35 21.42 6.38
C ALA B 34 16.24 22.93 6.62
N GLU B 35 16.04 23.65 5.52
CA GLU B 35 15.86 25.10 5.53
C GLU B 35 14.39 25.36 5.93
N PRO B 36 14.17 25.93 7.11
CA PRO B 36 12.78 26.18 7.54
C PRO B 36 11.96 26.96 6.49
N ALA B 37 12.63 27.80 5.69
CA ALA B 37 11.91 28.60 4.69
C ALA B 37 11.24 27.80 3.56
N ALA B 38 11.59 26.52 3.46
CA ALA B 38 11.09 25.59 2.45
C ALA B 38 10.07 24.63 3.02
N VAL B 39 9.73 24.79 4.28
CA VAL B 39 8.79 23.91 4.94
C VAL B 39 7.45 24.51 5.33
N PRO B 40 6.37 23.82 5.02
CA PRO B 40 5.01 24.28 5.37
C PRO B 40 4.65 24.06 6.86
N PHE B 41 5.47 24.60 7.73
CA PHE B 41 5.15 24.33 9.11
C PHE B 41 3.91 25.02 9.63
N GLN B 42 3.73 26.21 9.10
CA GLN B 42 2.61 27.03 9.54
C GLN B 42 1.23 26.48 9.19
N GLN B 43 1.15 25.69 8.11
CA GLN B 43 -0.14 25.17 7.71
C GLN B 43 -0.25 23.67 7.96
N SER B 44 0.48 23.17 8.93
CA SER B 44 0.45 21.72 9.13
C SER B 44 0.37 21.21 10.53
N VAL B 45 0.11 19.91 10.64
CA VAL B 45 0.21 19.19 11.92
C VAL B 45 1.68 18.68 11.86
N ILE B 46 2.41 18.87 12.94
CA ILE B 46 3.80 18.45 12.97
C ILE B 46 3.98 17.24 13.82
N THR B 47 4.68 16.24 13.27
CA THR B 47 4.97 15.02 14.00
C THR B 47 6.48 14.70 13.88
N ALA B 48 6.98 13.60 14.41
CA ALA B 48 8.43 13.41 14.29
C ALA B 48 8.73 11.94 14.30
N GLU B 49 9.80 11.50 13.65
CA GLU B 49 10.13 10.06 13.71
C GLU B 49 11.40 9.83 14.54
N ILE B 50 11.87 10.91 15.13
CA ILE B 50 13.06 10.99 15.98
C ILE B 50 12.61 11.62 17.28
N GLU B 51 13.43 11.46 18.30
CA GLU B 51 13.04 11.93 19.61
C GLU B 51 13.95 12.90 20.30
N ARG B 52 15.11 13.19 19.72
CA ARG B 52 15.99 14.13 20.39
C ARG B 52 16.76 14.71 19.21
N TRP B 53 17.24 15.95 19.36
CA TRP B 53 17.87 16.56 18.22
C TRP B 53 18.63 17.80 18.64
N PRO B 54 19.61 18.22 17.86
CA PRO B 54 20.39 19.43 18.13
C PRO B 54 19.56 20.65 17.76
N GLU B 55 20.05 21.86 18.05
CA GLU B 55 19.36 23.09 17.68
C GLU B 55 19.94 23.46 16.32
N THR B 56 19.06 23.61 15.34
CA THR B 56 19.38 23.98 13.98
C THR B 56 18.35 25.05 13.62
N ALA B 57 18.52 25.71 12.47
CA ALA B 57 17.56 26.73 12.04
C ALA B 57 16.18 26.06 12.05
N LEU B 58 16.17 24.82 11.59
CA LEU B 58 14.92 24.07 11.53
C LEU B 58 14.31 23.73 12.90
N THR B 59 15.02 23.02 13.78
CA THR B 59 14.39 22.68 15.05
C THR B 59 14.12 23.89 15.92
N ARG B 60 14.81 24.99 15.66
CA ARG B 60 14.51 26.16 16.46
C ARG B 60 13.05 26.58 16.24
N GLN B 61 12.58 26.45 15.01
CA GLN B 61 11.20 26.82 14.69
C GLN B 61 10.18 25.92 15.36
N LEU B 62 10.58 24.69 15.67
CA LEU B 62 9.72 23.68 16.28
C LEU B 62 9.65 23.82 17.80
N ALA B 63 10.56 24.60 18.34
CA ALA B 63 10.48 24.73 19.78
C ALA B 63 9.14 25.43 20.06
N ARG B 64 8.41 24.84 21.00
CA ARG B 64 7.13 25.37 21.48
C ARG B 64 6.08 25.54 20.37
N HIS B 65 6.31 24.94 19.22
CA HIS B 65 5.34 25.14 18.16
C HIS B 65 4.07 24.42 18.53
N PRO B 66 2.99 25.19 18.55
CA PRO B 66 1.69 24.61 18.90
C PRO B 66 1.17 23.48 18.02
N ALA B 67 1.62 23.42 16.77
CA ALA B 67 1.14 22.35 15.88
C ALA B 67 1.92 21.03 16.00
N PHE B 68 2.97 21.04 16.81
CA PHE B 68 3.84 19.88 17.00
C PHE B 68 3.29 18.93 18.08
N VAL B 69 2.46 17.99 17.66
CA VAL B 69 1.83 17.01 18.56
C VAL B 69 2.87 16.28 19.43
N ASN B 70 2.59 16.10 20.73
CA ASN B 70 3.52 15.44 21.65
C ASN B 70 4.88 16.11 21.84
N ARG B 71 5.07 17.35 21.34
CA ARG B 71 6.35 17.99 21.52
C ARG B 71 6.97 17.84 22.91
N ASP B 72 6.18 17.86 23.98
CA ASP B 72 6.79 17.73 25.31
C ASP B 72 7.02 16.35 25.92
N VAL B 73 6.58 15.34 25.20
CA VAL B 73 6.69 13.95 25.61
C VAL B 73 8.06 13.49 25.12
N PHE B 74 8.44 13.91 23.92
CA PHE B 74 9.73 13.47 23.40
C PHE B 74 10.83 13.43 24.45
N PRO B 75 11.18 14.59 25.01
CA PRO B 75 12.25 14.66 25.99
C PRO B 75 12.10 13.72 27.19
N ILE B 76 10.86 13.41 27.57
CA ILE B 76 10.62 12.53 28.69
C ILE B 76 11.03 11.14 28.31
N ILE B 77 10.70 10.82 27.06
CA ILE B 77 10.99 9.50 26.55
C ILE B 77 12.42 9.31 26.11
N ALA B 78 12.95 10.33 25.50
CA ALA B 78 14.30 10.35 24.96
C ALA B 78 15.36 10.04 26.01
N ASP B 79 15.12 10.29 27.30
CA ASP B 79 16.11 10.03 28.35
C ASP B 79 15.65 8.80 29.08
N ARG B 80 16.48 7.78 29.01
CA ARG B 80 16.12 6.55 29.69
C ARG B 80 15.90 6.77 31.20
N LEU B 81 16.59 7.74 31.77
CA LEU B 81 16.42 7.98 33.20
C LEU B 81 14.97 8.41 33.41
N THR B 82 14.48 9.41 32.66
CA THR B 82 13.08 9.85 32.81
C THR B 82 12.05 8.80 32.41
N GLN B 83 12.40 8.03 31.39
CA GLN B 83 11.52 6.97 30.95
C GLN B 83 11.31 5.90 32.04
N LYS B 84 12.42 5.43 32.62
CA LYS B 84 12.38 4.43 33.69
C LYS B 84 11.52 4.86 34.89
N GLN B 85 11.75 6.10 35.26
CA GLN B 85 10.99 6.70 36.32
C GLN B 85 9.49 6.69 36.02
N LEU B 86 9.08 6.91 34.76
CA LEU B 86 7.67 6.88 34.41
C LEU B 86 7.13 5.54 34.78
N PHE B 87 7.80 4.50 34.32
CA PHE B 87 7.34 3.15 34.64
C PHE B 87 7.12 3.04 36.15
N ASP B 88 8.13 3.52 36.85
CA ASP B 88 8.17 3.49 38.30
C ASP B 88 6.99 4.19 38.96
N LYS B 89 6.74 5.39 38.49
CA LYS B 89 5.61 6.16 38.97
C LYS B 89 4.28 5.48 38.64
N LEU B 90 4.24 4.56 37.69
CA LEU B 90 2.95 3.99 37.39
C LEU B 90 2.93 2.55 37.80
N HIS B 91 3.84 2.15 38.66
CA HIS B 91 3.79 0.76 39.12
C HIS B 91 3.88 -0.22 37.96
N LEU B 92 4.58 0.17 36.90
CA LEU B 92 4.68 -0.83 35.84
C LEU B 92 5.99 -1.64 35.90
N PRO B 93 5.85 -2.95 35.84
CA PRO B 93 7.03 -3.77 35.89
C PRO B 93 8.10 -3.41 34.87
N THR B 94 9.33 -3.29 35.37
CA THR B 94 10.47 -2.96 34.54
C THR B 94 11.71 -3.55 35.19
N ALA B 95 12.84 -3.52 34.51
CA ALA B 95 14.03 -4.11 35.13
C ALA B 95 14.53 -3.18 36.22
N PRO B 96 14.85 -3.75 37.39
CA PRO B 96 15.44 -2.99 38.48
C PRO B 96 16.63 -2.25 37.88
N TRP B 97 16.85 -1.02 38.29
CA TRP B 97 17.88 -0.21 37.70
C TRP B 97 18.25 0.97 38.60
N GLN B 98 19.15 1.80 38.10
CA GLN B 98 19.60 3.05 38.69
C GLN B 98 20.50 3.82 37.74
N LEU B 99 20.59 5.11 38.05
CA LEU B 99 21.45 5.99 37.28
C LEU B 99 22.83 5.46 37.69
N LEU B 100 23.76 5.34 36.75
CA LEU B 100 25.16 4.93 37.02
C LEU B 100 25.99 6.24 37.04
N ALA B 101 26.18 6.76 38.24
CA ALA B 101 26.85 8.04 38.46
C ALA B 101 28.36 8.05 38.45
N GLU B 102 28.95 6.97 38.94
CA GLU B 102 30.41 6.94 38.99
C GLU B 102 30.86 5.57 39.34
N ARG B 103 32.13 5.34 39.03
CA ARG B 103 32.81 4.07 39.17
C ARG B 103 32.67 3.37 40.52
N SER B 104 32.62 4.15 41.57
CA SER B 104 32.53 3.54 42.87
C SER B 104 31.21 2.84 43.14
N GLU B 105 30.15 3.12 42.38
CA GLU B 105 28.88 2.46 42.67
C GLU B 105 28.85 1.02 42.25
N TRP B 106 29.88 0.60 41.53
CA TRP B 106 29.79 -0.75 40.99
C TRP B 106 29.53 -1.94 41.88
N PRO B 107 30.24 -2.00 42.99
CA PRO B 107 30.05 -3.19 43.81
C PRO B 107 28.63 -3.33 44.34
N ALA B 108 28.05 -2.21 44.77
CA ALA B 108 26.66 -2.23 45.27
C ALA B 108 25.66 -2.49 44.13
N VAL B 109 25.98 -2.00 42.94
CA VAL B 109 25.09 -2.26 41.80
C VAL B 109 24.99 -3.80 41.61
N PHE B 110 26.14 -4.45 41.57
CA PHE B 110 26.11 -5.90 41.41
C PHE B 110 25.48 -6.55 42.60
N ASP B 111 25.73 -6.03 43.80
CA ASP B 111 25.08 -6.67 44.94
C ASP B 111 23.55 -6.59 44.72
N ARG B 112 23.08 -5.44 44.23
CA ARG B 112 21.64 -5.31 44.06
C ARG B 112 21.03 -5.98 42.82
N LEU B 113 21.70 -5.85 41.68
CA LEU B 113 21.14 -6.34 40.44
C LEU B 113 21.57 -7.74 40.10
N GLY B 114 22.49 -8.28 40.88
CA GLY B 114 22.88 -9.64 40.52
C GLY B 114 24.06 -9.70 39.54
N GLU B 115 24.27 -10.89 38.99
CA GLU B 115 25.42 -11.09 38.12
C GLU B 115 25.74 -10.22 36.91
N LEU B 116 24.69 -9.91 36.18
CA LEU B 116 24.86 -9.25 34.92
C LEU B 116 24.18 -7.91 34.90
N ALA B 117 24.99 -6.93 34.53
CA ALA B 117 24.46 -5.57 34.47
C ALA B 117 24.40 -5.16 33.02
N ILE B 118 23.34 -4.44 32.71
CA ILE B 118 23.11 -3.92 31.36
C ILE B 118 23.19 -2.41 31.53
N VAL B 119 24.24 -1.87 30.91
CA VAL B 119 24.49 -0.45 30.88
C VAL B 119 23.95 0.11 29.54
N LYS B 120 23.23 1.22 29.70
CA LYS B 120 22.62 1.94 28.60
C LYS B 120 22.77 3.46 28.69
N ARG B 121 23.23 4.00 27.56
CA ARG B 121 23.40 5.44 27.37
C ARG B 121 22.01 6.01 27.60
N ARG B 122 21.92 7.10 28.37
CA ARG B 122 20.60 7.72 28.63
C ARG B 122 19.92 8.21 27.34
N THR B 123 20.70 8.68 26.36
CA THR B 123 19.99 9.13 25.17
C THR B 123 20.79 8.74 23.95
N GLY B 124 20.06 8.73 22.84
CA GLY B 124 20.63 8.50 21.52
C GLY B 124 20.93 7.06 21.11
N GLY B 125 20.70 6.15 22.03
CA GLY B 125 20.97 4.75 21.69
C GLY B 125 19.97 4.12 20.72
N TYR B 126 20.44 3.20 19.89
CA TYR B 126 19.54 2.48 18.99
C TYR B 126 20.34 1.27 18.45
N ASP B 127 19.58 0.22 18.13
CA ASP B 127 20.16 -1.05 17.67
C ASP B 127 21.25 -1.59 18.58
N GLY B 128 21.14 -1.24 19.86
CA GLY B 128 22.07 -1.75 20.87
C GLY B 128 23.37 -0.97 20.95
N ARG B 129 23.52 0.11 20.17
CA ARG B 129 24.76 0.89 20.21
C ARG B 129 24.62 1.63 21.56
N GLY B 130 25.71 1.84 22.27
CA GLY B 130 25.46 2.52 23.54
C GLY B 130 24.95 1.56 24.62
N GLN B 131 25.13 0.27 24.41
CA GLN B 131 24.70 -0.64 25.47
C GLN B 131 25.84 -1.60 25.83
N TRP B 132 26.05 -1.89 27.09
CA TRP B 132 27.12 -2.83 27.44
C TRP B 132 26.57 -3.85 28.42
N ARG B 133 26.97 -5.11 28.26
CA ARG B 133 26.55 -6.21 29.15
C ARG B 133 27.77 -6.56 29.99
N LEU B 134 27.74 -6.24 31.28
CA LEU B 134 28.94 -6.46 32.13
C LEU B 134 28.77 -7.32 33.37
N ARG B 135 29.79 -8.09 33.73
CA ARG B 135 29.81 -8.90 34.93
C ARG B 135 30.72 -8.09 35.81
N ALA B 136 30.73 -8.41 37.09
CA ALA B 136 31.51 -7.67 38.07
C ALA B 136 33.02 -7.52 37.84
N ASN B 137 33.63 -8.33 37.00
CA ASN B 137 35.06 -8.10 36.82
C ASN B 137 35.29 -7.47 35.47
N GLU B 138 34.26 -6.92 34.83
CA GLU B 138 34.47 -6.34 33.52
C GLU B 138 34.20 -4.85 33.43
N THR B 139 33.93 -4.27 34.58
CA THR B 139 33.58 -2.88 34.58
C THR B 139 34.62 -1.94 33.95
N GLU B 140 35.87 -2.36 33.87
CA GLU B 140 36.83 -1.44 33.31
C GLU B 140 36.65 -1.17 31.83
N GLN B 141 35.69 -1.86 31.22
CA GLN B 141 35.46 -1.65 29.80
C GLN B 141 34.58 -0.43 29.60
N LEU B 142 33.81 -0.14 30.62
CA LEU B 142 32.95 1.00 30.43
C LEU B 142 33.72 2.31 30.31
N PRO B 143 33.59 2.91 29.12
CA PRO B 143 34.27 4.18 28.91
C PRO B 143 33.99 5.17 30.04
N ALA B 144 35.00 5.95 30.42
CA ALA B 144 34.82 6.90 31.51
C ALA B 144 33.70 7.88 31.28
N GLU B 145 33.42 8.15 30.00
CA GLU B 145 32.40 9.08 29.58
C GLU B 145 31.03 8.69 30.08
N CYS B 146 30.83 7.38 30.25
CA CYS B 146 29.55 6.87 30.69
C CYS B 146 29.03 7.31 32.03
N TYR B 147 29.95 7.52 32.96
CA TYR B 147 29.51 7.84 34.31
C TYR B 147 28.68 9.10 34.33
N GLY B 148 27.48 8.97 34.91
CA GLY B 148 26.54 10.07 34.97
C GLY B 148 25.69 10.20 33.70
N GLU B 149 26.11 9.54 32.61
CA GLU B 149 25.36 9.56 31.34
C GLU B 149 24.63 8.27 30.92
N CYS B 150 24.52 7.26 31.79
CA CYS B 150 23.94 5.99 31.41
C CYS B 150 23.20 5.47 32.60
N ILE B 151 22.23 4.60 32.36
CA ILE B 151 21.57 3.98 33.49
C ILE B 151 22.18 2.57 33.46
N VAL B 152 21.92 1.82 34.53
CA VAL B 152 22.37 0.43 34.56
C VAL B 152 21.16 -0.37 35.06
N GLU B 153 20.94 -1.54 34.46
CA GLU B 153 19.81 -2.33 34.92
C GLU B 153 20.15 -3.80 34.94
N GLN B 154 19.25 -4.53 35.58
CA GLN B 154 19.35 -5.97 35.75
C GLN B 154 19.23 -6.67 34.40
N GLY B 155 20.13 -7.62 34.15
CA GLY B 155 20.07 -8.37 32.91
C GLY B 155 18.89 -9.27 33.19
N ILE B 156 17.93 -9.23 32.28
CA ILE B 156 16.73 -10.07 32.45
C ILE B 156 16.82 -11.34 31.58
N ASN B 157 16.55 -12.49 32.16
CA ASN B 157 16.58 -13.73 31.39
C ASN B 157 15.14 -13.88 30.93
N PHE B 158 14.86 -13.38 29.75
CA PHE B 158 13.46 -13.47 29.32
C PHE B 158 13.28 -14.69 28.45
N SER B 159 12.04 -15.20 28.33
CA SER B 159 11.81 -16.34 27.45
C SER B 159 11.62 -15.85 26.01
N GLY B 160 11.23 -14.59 25.85
CA GLY B 160 11.02 -14.00 24.50
C GLY B 160 10.77 -12.51 24.62
N GLU B 161 10.69 -11.83 23.49
CA GLU B 161 10.40 -10.38 23.51
C GLU B 161 9.14 -10.15 22.66
N VAL B 162 8.33 -9.22 23.13
CA VAL B 162 7.15 -8.94 22.35
C VAL B 162 6.95 -7.46 22.44
N SER B 163 6.37 -6.92 21.37
CA SER B 163 6.07 -5.52 21.47
C SER B 163 4.58 -5.30 21.27
N LEU B 164 4.09 -4.23 21.90
CA LEU B 164 2.71 -3.82 21.72
C LEU B 164 2.72 -2.48 20.98
N VAL B 165 2.10 -2.44 19.81
CA VAL B 165 2.00 -1.17 19.05
C VAL B 165 0.51 -0.77 19.14
N GLY B 166 0.23 0.49 19.44
CA GLY B 166 -1.16 0.90 19.56
C GLY B 166 -1.19 2.42 19.42
N ALA B 167 -2.37 3.01 19.55
CA ALA B 167 -2.44 4.46 19.41
C ALA B 167 -3.45 4.97 20.40
N ARG B 168 -3.30 6.27 20.66
CA ARG B 168 -4.22 6.97 21.52
C ARG B 168 -4.71 8.17 20.74
N GLY B 169 -6.02 8.38 20.77
CA GLY B 169 -6.60 9.51 20.06
C GLY B 169 -6.70 10.80 20.91
N PHE B 170 -6.96 11.92 20.28
CA PHE B 170 -7.07 13.13 21.05
C PHE B 170 -8.15 12.99 22.11
N ASP B 171 -9.15 12.15 21.91
CA ASP B 171 -10.11 12.10 23.00
C ASP B 171 -9.86 10.93 23.95
N GLY B 172 -8.62 10.46 24.06
CA GLY B 172 -8.36 9.34 24.98
C GLY B 172 -8.69 7.94 24.48
N SER B 173 -9.44 7.77 23.39
CA SER B 173 -9.65 6.37 22.97
C SER B 173 -8.35 5.68 22.55
N THR B 174 -8.31 4.37 22.72
CA THR B 174 -7.08 3.73 22.32
C THR B 174 -7.40 2.48 21.55
N VAL B 175 -6.46 2.16 20.65
CA VAL B 175 -6.61 0.93 19.86
C VAL B 175 -5.24 0.27 19.82
N PHE B 176 -5.25 -1.04 19.64
CA PHE B 176 -3.99 -1.73 19.61
C PHE B 176 -3.95 -2.85 18.60
N TYR B 177 -2.75 -3.28 18.27
CA TYR B 177 -2.52 -4.46 17.42
C TYR B 177 -2.25 -5.58 18.42
N PRO B 178 -2.34 -6.83 17.96
CA PRO B 178 -2.10 -7.96 18.82
C PRO B 178 -0.63 -7.78 19.08
N LEU B 179 -0.12 -8.44 20.11
CA LEU B 179 1.31 -8.36 20.37
C LEU B 179 2.19 -8.94 19.22
N THR B 180 3.38 -8.39 19.02
CA THR B 180 4.23 -8.93 17.97
C THR B 180 5.45 -9.57 18.63
N HIS B 181 5.85 -10.73 18.13
CA HIS B 181 7.06 -11.42 18.64
C HIS B 181 8.26 -10.88 17.89
N ASN B 182 9.23 -10.38 18.64
CA ASN B 182 10.43 -9.84 17.99
C ASN B 182 11.70 -10.59 18.32
N LEU B 183 12.58 -10.78 17.36
CA LEU B 183 13.88 -11.43 17.51
C LEU B 183 15.00 -10.40 17.24
N HIS B 184 15.83 -10.14 18.25
CA HIS B 184 16.97 -9.25 18.12
C HIS B 184 18.28 -10.08 18.09
N GLN B 185 19.25 -9.72 17.26
CA GLN B 185 20.53 -10.41 17.28
C GLN B 185 21.54 -9.29 17.15
N ASP B 186 22.48 -9.30 18.08
CA ASP B 186 23.52 -8.26 18.07
C ASP B 186 22.96 -6.89 18.22
N GLY B 187 21.93 -6.85 19.05
CA GLY B 187 21.23 -5.62 19.39
C GLY B 187 20.22 -5.10 18.38
N ILE B 188 20.18 -5.67 17.18
CA ILE B 188 19.25 -5.11 16.20
C ILE B 188 18.09 -6.07 15.91
N LEU B 189 16.89 -5.52 15.73
CA LEU B 189 15.76 -6.37 15.44
C LEU B 189 15.98 -7.08 14.10
N ARG B 190 15.79 -8.39 14.01
CA ARG B 190 15.95 -9.04 12.70
C ARG B 190 14.62 -9.51 12.11
N THR B 191 13.68 -9.88 12.98
CA THR B 191 12.44 -10.49 12.48
C THR B 191 11.30 -10.32 13.43
N SER B 192 10.07 -10.29 12.94
CA SER B 192 8.93 -10.15 13.82
C SER B 192 7.88 -11.09 13.27
N VAL B 193 7.03 -11.54 14.18
CA VAL B 193 5.91 -12.44 13.77
C VAL B 193 4.72 -12.01 14.63
N ALA B 194 3.57 -11.79 13.97
CA ALA B 194 2.36 -11.43 14.68
C ALA B 194 1.29 -12.48 14.44
N PHE B 195 0.50 -12.76 15.47
CA PHE B 195 -0.63 -13.67 15.29
C PHE B 195 -1.90 -12.85 15.55
N PRO B 196 -3.00 -13.18 14.88
CA PRO B 196 -4.24 -12.43 15.10
C PRO B 196 -4.71 -12.41 16.59
N GLN B 197 -4.51 -13.53 17.27
CA GLN B 197 -4.86 -13.66 18.68
C GLN B 197 -3.58 -14.08 19.37
N ALA B 198 -3.14 -13.21 20.27
CA ALA B 198 -1.94 -13.44 21.09
C ALA B 198 -2.33 -14.04 22.43
N ASN B 199 -1.41 -14.48 23.29
CA ASN B 199 -1.81 -14.98 24.60
C ASN B 199 -2.67 -13.88 25.20
N ALA B 200 -3.87 -14.29 25.58
CA ALA B 200 -4.82 -13.31 26.12
C ALA B 200 -4.44 -12.56 27.35
N GLN B 201 -3.77 -13.26 28.24
CA GLN B 201 -3.39 -12.66 29.50
C GLN B 201 -2.30 -11.66 29.19
N GLN B 202 -1.42 -12.10 28.29
CA GLN B 202 -0.30 -11.24 27.93
C GLN B 202 -0.82 -9.97 27.25
N GLN B 203 -1.62 -10.16 26.21
CA GLN B 203 -2.14 -8.98 25.55
C GLN B 203 -2.81 -7.93 26.49
N ALA B 204 -3.62 -8.42 27.43
CA ALA B 204 -4.33 -7.58 28.37
C ALA B 204 -3.35 -6.84 29.27
N ARG B 205 -2.31 -7.56 29.74
CA ARG B 205 -1.32 -6.89 30.60
C ARG B 205 -0.64 -5.75 29.80
N ALA B 206 -0.20 -6.08 28.59
CA ALA B 206 0.42 -5.05 27.75
C ALA B 206 -0.53 -3.87 27.51
N GLU B 207 -1.77 -4.16 27.08
CA GLU B 207 -2.69 -3.03 26.81
C GLU B 207 -2.92 -2.14 28.02
N GLU B 208 -3.06 -2.80 29.18
CA GLU B 208 -3.26 -2.00 30.36
C GLU B 208 -2.03 -1.16 30.61
N MET B 209 -0.86 -1.79 30.45
CA MET B 209 0.31 -0.96 30.67
C MET B 209 0.47 0.20 29.70
N LEU B 210 0.34 -0.10 28.41
CA LEU B 210 0.51 0.98 27.45
C LEU B 210 -0.54 2.10 27.53
N SER B 211 -1.77 1.68 27.86
CA SER B 211 -2.85 2.67 28.00
C SER B 211 -2.52 3.59 29.15
N ALA B 212 -2.07 2.99 30.27
CA ALA B 212 -1.71 3.79 31.42
C ALA B 212 -0.64 4.77 30.95
N ILE B 213 0.35 4.22 30.26
CA ILE B 213 1.39 5.13 29.76
C ILE B 213 0.92 6.27 28.88
N MET B 214 0.17 5.96 27.82
CA MET B 214 -0.22 7.07 26.95
C MET B 214 -1.15 8.07 27.61
N GLN B 215 -1.99 7.53 28.48
CA GLN B 215 -2.92 8.41 29.16
C GLN B 215 -2.08 9.29 30.10
N GLU B 216 -1.20 8.68 30.89
CA GLU B 216 -0.38 9.47 31.78
C GLU B 216 0.27 10.59 31.01
N LEU B 217 0.83 10.26 29.84
CA LEU B 217 1.45 11.32 29.06
C LEU B 217 0.59 12.30 28.22
N GLY B 218 -0.70 12.01 27.99
CA GLY B 218 -1.53 12.91 27.16
C GLY B 218 -1.06 12.68 25.70
N TYR B 219 -0.58 11.48 25.43
CA TYR B 219 -0.04 11.21 24.10
C TYR B 219 -1.06 10.95 23.05
N VAL B 220 -0.81 11.52 21.88
CA VAL B 220 -1.73 11.27 20.77
C VAL B 220 -0.90 10.73 19.60
N GLY B 221 -1.27 9.56 19.06
CA GLY B 221 -0.54 9.02 17.94
C GLY B 221 -0.19 7.63 18.30
N VAL B 222 0.69 7.07 17.46
CA VAL B 222 1.19 5.73 17.70
C VAL B 222 2.39 5.66 18.65
N MET B 223 2.38 4.67 19.55
CA MET B 223 3.52 4.48 20.43
C MET B 223 3.77 3.00 20.47
N ALA B 224 5.03 2.61 20.65
CA ALA B 224 5.32 1.17 20.74
C ALA B 224 5.95 0.91 22.11
N MET B 225 5.64 -0.25 22.68
CA MET B 225 6.21 -0.64 23.96
C MET B 225 6.85 -2.02 23.78
N GLU B 226 8.18 -2.12 23.98
CA GLU B 226 8.92 -3.39 23.84
C GLU B 226 8.96 -3.97 25.26
N CYS B 227 8.68 -5.27 25.37
CA CYS B 227 8.61 -5.91 26.67
C CYS B 227 9.37 -7.20 26.64
N PHE B 228 9.66 -7.70 27.83
CA PHE B 228 10.34 -8.97 27.95
C PHE B 228 9.31 -9.87 28.63
N VAL B 229 9.26 -11.10 28.13
CA VAL B 229 8.38 -12.12 28.68
C VAL B 229 9.19 -12.88 29.77
N THR B 230 8.64 -12.93 30.98
CA THR B 230 9.23 -13.63 32.14
C THR B 230 8.08 -14.38 32.79
N PRO B 231 8.36 -15.31 33.71
CA PRO B 231 7.25 -16.05 34.35
C PRO B 231 6.32 -15.16 35.23
N GLN B 232 6.76 -13.99 35.67
CA GLN B 232 5.90 -13.15 36.51
C GLN B 232 5.11 -12.33 35.54
N GLY B 233 5.32 -12.53 34.23
CA GLY B 233 4.61 -11.72 33.25
C GLY B 233 5.56 -10.83 32.48
N LEU B 234 5.01 -9.84 31.80
CA LEU B 234 5.84 -8.95 31.00
C LEU B 234 6.54 -7.87 31.77
N LEU B 235 7.74 -7.58 31.30
CA LEU B 235 8.50 -6.46 31.84
C LEU B 235 8.65 -5.51 30.66
N ILE B 236 8.49 -4.24 30.94
CA ILE B 236 8.68 -3.30 29.83
C ILE B 236 10.16 -2.95 29.69
N ASN B 237 10.67 -3.07 28.47
CA ASN B 237 12.06 -2.77 28.14
C ASN B 237 12.26 -1.28 27.84
N GLU B 238 11.52 -0.78 26.86
CA GLU B 238 11.57 0.62 26.48
C GLU B 238 10.39 0.96 25.56
N LEU B 239 10.21 2.25 25.41
CA LEU B 239 9.12 2.76 24.56
C LEU B 239 9.70 3.59 23.37
N ALA B 240 8.95 3.67 22.26
CA ALA B 240 9.29 4.48 21.07
C ALA B 240 8.04 5.31 20.82
N PRO B 241 8.20 6.62 20.95
CA PRO B 241 7.06 7.52 20.78
C PRO B 241 6.84 7.74 19.28
N ARG B 242 6.51 6.64 18.60
CA ARG B 242 6.26 6.72 17.18
C ARG B 242 5.96 5.35 16.63
N VAL B 243 5.66 5.28 15.32
CA VAL B 243 5.49 3.99 14.60
C VAL B 243 6.89 3.36 14.84
N HIS B 244 6.95 2.03 14.88
CA HIS B 244 8.14 1.29 15.23
C HIS B 244 8.43 0.13 14.28
N ASN B 245 9.71 -0.22 14.14
CA ASN B 245 10.06 -1.30 13.22
C ASN B 245 9.25 -2.57 13.47
N SER B 246 8.98 -2.94 14.74
CA SER B 246 8.28 -4.19 14.90
C SER B 246 6.83 -4.14 14.37
N GLY B 247 6.32 -2.96 13.98
CA GLY B 247 4.94 -2.88 13.52
C GLY B 247 4.87 -2.78 12.01
N HIS B 248 6.01 -2.96 11.33
CA HIS B 248 5.94 -2.82 9.85
C HIS B 248 5.01 -3.84 9.20
N TRP B 249 4.87 -4.98 9.86
CA TRP B 249 3.99 -6.00 9.29
C TRP B 249 2.57 -5.50 9.05
N THR B 250 2.16 -4.49 9.81
CA THR B 250 0.83 -3.94 9.69
C THR B 250 0.59 -3.28 8.34
N GLN B 251 1.66 -3.07 7.55
CA GLN B 251 1.50 -2.46 6.22
C GLN B 251 0.74 -3.43 5.30
N ASN B 252 0.94 -4.70 5.54
CA ASN B 252 0.24 -5.63 4.68
C ASN B 252 -0.62 -6.60 5.48
N GLY B 253 -0.42 -6.70 6.79
CA GLY B 253 -1.18 -7.66 7.59
C GLY B 253 -2.31 -7.19 8.44
N ALA B 254 -2.63 -5.90 8.36
CA ALA B 254 -3.75 -5.32 9.12
C ALA B 254 -4.52 -4.45 8.11
N SER B 255 -5.80 -4.20 8.40
CA SER B 255 -6.64 -3.34 7.55
C SER B 255 -6.23 -1.86 7.66
N ILE B 256 -5.57 -1.44 8.75
CA ILE B 256 -5.09 -0.07 8.91
C ILE B 256 -3.66 -0.20 9.39
N SER B 257 -2.71 0.37 8.67
CA SER B 257 -1.35 0.17 9.10
C SER B 257 -0.96 1.10 10.24
N GLN B 258 0.17 0.83 10.91
CA GLN B 258 0.58 1.70 12.00
C GLN B 258 0.87 3.07 11.39
N PHE B 259 1.24 3.17 10.13
CA PHE B 259 1.51 4.50 9.54
C PHE B 259 0.19 5.27 9.38
N GLU B 260 -0.79 4.52 8.86
CA GLU B 260 -2.11 5.11 8.69
C GLU B 260 -2.67 5.45 10.06
N LEU B 261 -2.51 4.55 11.02
CA LEU B 261 -3.10 4.85 12.32
C LEU B 261 -2.52 6.10 12.93
N HIS B 262 -1.20 6.26 12.83
CA HIS B 262 -0.55 7.47 13.36
C HIS B 262 -1.10 8.73 12.71
N LEU B 263 -1.30 8.68 11.40
CA LEU B 263 -1.79 9.89 10.74
C LEU B 263 -3.24 10.15 11.11
N ARG B 264 -3.99 9.06 11.30
CA ARG B 264 -5.37 9.24 11.71
C ARG B 264 -5.45 9.93 13.05
N ALA B 265 -4.66 9.43 13.98
CA ALA B 265 -4.66 10.00 15.33
C ALA B 265 -4.29 11.46 15.34
N ILE B 266 -3.16 11.73 14.70
CA ILE B 266 -2.71 13.11 14.72
C ILE B 266 -3.55 14.14 13.98
N THR B 267 -4.32 13.68 13.00
CA THR B 267 -5.20 14.53 12.20
C THR B 267 -6.64 14.46 12.69
N ASP B 268 -6.80 13.78 13.79
CA ASP B 268 -8.13 13.70 14.33
C ASP B 268 -9.08 13.01 13.40
N LEU B 269 -8.62 11.98 12.69
CA LEU B 269 -9.51 11.19 11.83
C LEU B 269 -10.03 9.99 12.64
N PRO B 270 -10.97 9.19 12.13
CA PRO B 270 -11.45 8.07 12.93
C PRO B 270 -10.37 7.06 13.27
N LEU B 271 -10.54 6.47 14.43
CA LEU B 271 -9.62 5.50 14.95
C LEU B 271 -10.24 4.18 15.39
N PRO B 272 -10.88 3.44 14.48
CA PRO B 272 -11.40 2.13 14.76
C PRO B 272 -10.25 1.14 14.92
N GLN B 273 -10.58 0.02 15.53
CA GLN B 273 -9.59 -1.01 15.80
C GLN B 273 -9.20 -1.64 14.45
N PRO B 274 -7.92 -1.66 14.10
CA PRO B 274 -7.58 -2.26 12.81
C PRO B 274 -7.98 -3.72 12.77
N VAL B 275 -8.36 -4.28 11.60
CA VAL B 275 -8.69 -5.70 11.56
C VAL B 275 -7.43 -6.54 11.31
N VAL B 276 -7.25 -7.65 12.04
CA VAL B 276 -6.09 -8.52 11.79
C VAL B 276 -6.65 -9.92 11.83
N ASN B 277 -6.65 -10.61 10.70
CA ASN B 277 -7.23 -11.95 10.68
C ASN B 277 -6.20 -13.03 10.50
N ASN B 278 -5.04 -12.78 9.91
CA ASN B 278 -4.04 -13.83 9.61
C ASN B 278 -2.69 -13.42 10.21
N PRO B 279 -1.79 -14.39 10.31
CA PRO B 279 -0.48 -14.07 10.88
C PRO B 279 0.35 -13.35 9.83
N SER B 280 1.41 -12.67 10.29
CA SER B 280 2.32 -11.97 9.39
C SER B 280 3.74 -12.23 9.88
N VAL B 281 4.74 -12.14 8.98
CA VAL B 281 6.20 -12.27 9.26
C VAL B 281 6.82 -11.06 8.53
N MET B 282 7.80 -10.45 9.18
CA MET B 282 8.55 -9.35 8.61
C MET B 282 9.98 -9.77 8.83
N ILE B 283 10.77 -9.66 7.77
CA ILE B 283 12.20 -9.92 7.79
C ILE B 283 12.87 -8.59 7.52
N ASN B 284 13.68 -8.14 8.46
CA ASN B 284 14.36 -6.87 8.25
C ASN B 284 15.51 -7.12 7.31
N LEU B 285 15.74 -6.16 6.40
CA LEU B 285 16.87 -6.20 5.48
C LEU B 285 17.96 -5.27 6.05
N ILE B 286 19.10 -5.89 6.41
CA ILE B 286 20.18 -5.15 7.02
C ILE B 286 21.50 -5.30 6.31
N GLY B 287 21.98 -4.17 5.79
CA GLY B 287 23.25 -4.13 5.07
C GLY B 287 23.32 -5.02 3.81
N SER B 288 22.20 -5.46 3.26
CA SER B 288 22.24 -6.30 2.08
C SER B 288 21.67 -5.58 0.87
N ASP B 289 22.16 -5.94 -0.30
CA ASP B 289 21.60 -5.33 -1.51
C ASP B 289 20.24 -5.96 -1.86
N VAL B 290 19.43 -5.19 -2.58
CA VAL B 290 18.12 -5.72 -2.94
C VAL B 290 18.37 -6.84 -3.90
N ASN B 291 17.54 -7.87 -3.85
CA ASN B 291 17.70 -8.99 -4.74
C ASN B 291 16.29 -9.22 -5.29
N TYR B 292 16.10 -8.84 -6.53
CA TYR B 292 14.79 -8.99 -7.13
C TYR B 292 14.28 -10.42 -7.21
N ASP B 293 15.17 -11.38 -6.99
CA ASP B 293 14.63 -12.74 -6.97
C ASP B 293 13.60 -12.94 -5.87
N TRP B 294 13.64 -12.09 -4.84
CA TRP B 294 12.69 -12.22 -3.75
C TRP B 294 11.28 -12.14 -4.36
N LEU B 295 11.19 -11.39 -5.45
CA LEU B 295 9.88 -11.18 -6.08
C LEU B 295 9.27 -12.36 -6.88
N LYS B 296 10.04 -13.43 -6.93
CA LYS B 296 9.56 -14.61 -7.62
C LYS B 296 8.56 -15.28 -6.69
N LEU B 297 8.59 -14.93 -5.40
CA LEU B 297 7.69 -15.51 -4.41
C LEU B 297 6.50 -14.57 -4.21
N PRO B 298 5.31 -14.93 -4.69
CA PRO B 298 4.18 -14.03 -4.67
C PRO B 298 3.66 -13.48 -3.40
N LEU B 299 4.00 -14.10 -2.29
CA LEU B 299 3.49 -13.55 -1.04
C LEU B 299 4.40 -12.48 -0.52
N VAL B 300 5.58 -12.38 -1.11
CA VAL B 300 6.54 -11.40 -0.60
C VAL B 300 6.21 -9.95 -0.98
N HIS B 301 6.12 -9.08 0.03
CA HIS B 301 5.93 -7.63 -0.16
C HIS B 301 7.29 -6.99 0.19
N LEU B 302 7.91 -6.43 -0.85
CA LEU B 302 9.22 -5.76 -0.71
C LEU B 302 8.98 -4.31 -0.27
N HIS B 303 9.70 -3.84 0.73
CA HIS B 303 9.59 -2.46 1.18
C HIS B 303 11.08 -2.03 1.23
N TRP B 304 11.51 -1.40 0.14
CA TRP B 304 12.90 -0.99 0.04
C TRP B 304 12.96 0.49 0.42
N TYR B 305 13.95 0.89 1.24
CA TYR B 305 14.05 2.24 1.72
C TYR B 305 14.80 3.23 0.83
N ASP B 306 15.41 2.76 -0.25
CA ASP B 306 16.11 3.73 -1.09
C ASP B 306 17.24 4.37 -0.31
N LYS B 307 17.90 3.63 0.60
CA LYS B 307 19.03 4.07 1.44
C LYS B 307 20.28 3.43 0.86
N GLU B 308 21.43 4.04 1.10
CA GLU B 308 22.68 3.48 0.59
C GLU B 308 22.94 2.25 1.48
N VAL B 309 23.32 1.19 0.78
CA VAL B 309 23.58 -0.05 1.50
C VAL B 309 24.93 0.01 2.20
N ARG B 310 24.94 -0.06 3.53
CA ARG B 310 26.15 -0.11 4.35
C ARG B 310 25.95 -1.21 5.39
N PRO B 311 27.07 -1.69 5.90
CA PRO B 311 26.98 -2.68 6.92
C PRO B 311 26.19 -2.19 8.13
N GLY B 312 25.31 -3.08 8.61
CA GLY B 312 24.48 -2.85 9.80
C GLY B 312 23.30 -1.86 9.66
N ARG B 313 23.13 -1.31 8.47
CA ARG B 313 22.06 -0.35 8.20
C ARG B 313 20.76 -1.02 7.73
N LYS B 314 19.65 -0.53 8.28
CA LYS B 314 18.36 -1.03 7.83
C LYS B 314 18.11 -0.42 6.46
N VAL B 315 18.00 -1.30 5.46
CA VAL B 315 17.82 -0.91 4.05
C VAL B 315 16.42 -1.25 3.56
N GLY B 316 15.68 -2.12 4.26
CA GLY B 316 14.31 -2.39 3.85
C GLY B 316 13.71 -3.49 4.73
N HIS B 317 12.57 -4.05 4.31
CA HIS B 317 11.99 -5.17 5.02
C HIS B 317 11.07 -5.91 4.04
N LEU B 318 10.79 -7.16 4.37
CA LEU B 318 9.95 -7.99 3.54
C LEU B 318 8.86 -8.40 4.50
N ASN B 319 7.62 -8.25 4.04
CA ASN B 319 6.45 -8.65 4.79
C ASN B 319 5.81 -9.82 4.04
N LEU B 320 5.22 -10.75 4.79
CA LEU B 320 4.48 -11.89 4.22
C LEU B 320 3.29 -12.15 5.18
N THR B 321 2.11 -12.40 4.63
CA THR B 321 0.91 -12.68 5.42
C THR B 321 -0.01 -13.56 4.60
N ASP B 322 -0.67 -14.48 5.29
CA ASP B 322 -1.60 -15.41 4.64
C ASP B 322 -2.36 -16.16 5.72
N SER B 323 -3.58 -16.60 5.46
CA SER B 323 -4.26 -17.31 6.54
C SER B 323 -3.66 -18.69 6.74
N ASP B 324 -3.05 -19.24 5.69
CA ASP B 324 -2.42 -20.57 5.72
C ASP B 324 -0.95 -20.53 6.17
N THR B 325 -0.68 -20.81 7.44
CA THR B 325 0.68 -20.77 7.92
C THR B 325 1.61 -21.68 7.15
N SER B 326 1.13 -22.78 6.60
CA SER B 326 2.00 -23.65 5.83
C SER B 326 2.54 -22.85 4.64
N ARG B 327 1.72 -21.91 4.14
CA ARG B 327 2.19 -21.11 3.01
C ARG B 327 3.31 -20.19 3.43
N LEU B 328 3.14 -19.64 4.63
CA LEU B 328 4.17 -18.73 5.14
C LEU B 328 5.49 -19.47 5.34
N THR B 329 5.43 -20.66 5.94
CA THR B 329 6.61 -21.49 6.19
C THR B 329 7.29 -21.84 4.87
N ALA B 330 6.49 -22.17 3.86
CA ALA B 330 7.07 -22.51 2.58
C ALA B 330 7.74 -21.31 1.96
N THR B 331 7.11 -20.14 2.09
CA THR B 331 7.72 -18.94 1.54
C THR B 331 9.03 -18.62 2.28
N LEU B 332 9.02 -18.82 3.59
CA LEU B 332 10.24 -18.57 4.34
C LEU B 332 11.36 -19.49 3.89
N GLU B 333 10.98 -20.75 3.71
CA GLU B 333 11.96 -21.75 3.35
C GLU B 333 12.59 -21.34 2.02
N ALA B 334 11.75 -20.88 1.10
CA ALA B 334 12.26 -20.52 -0.22
C ALA B 334 13.13 -19.28 -0.17
N LEU B 335 12.86 -18.48 0.87
CA LEU B 335 13.63 -17.25 1.04
C LEU B 335 15.08 -17.45 1.48
N ILE B 336 15.32 -18.50 2.27
CA ILE B 336 16.67 -18.75 2.77
C ILE B 336 17.78 -18.74 1.71
N PRO B 337 17.64 -19.49 0.64
CA PRO B 337 18.74 -19.49 -0.27
C PRO B 337 18.82 -18.17 -1.00
N LEU B 338 17.80 -17.32 -0.87
CA LEU B 338 17.83 -16.04 -1.58
C LEU B 338 18.30 -14.94 -0.64
N LEU B 339 18.81 -15.30 0.52
CA LEU B 339 19.32 -14.24 1.41
C LEU B 339 20.68 -14.63 1.89
N PRO B 340 21.48 -13.64 2.30
CA PRO B 340 22.79 -13.90 2.88
C PRO B 340 22.68 -14.83 4.11
N PRO B 341 23.78 -15.52 4.41
CA PRO B 341 23.76 -16.50 5.45
C PRO B 341 23.21 -16.02 6.74
N GLU B 342 23.61 -14.80 7.10
CA GLU B 342 23.18 -14.34 8.39
C GLU B 342 21.66 -14.32 8.53
N TYR B 343 20.91 -14.52 7.45
CA TYR B 343 19.50 -14.43 7.67
C TYR B 343 18.85 -15.73 8.08
N ALA B 344 19.56 -16.83 7.92
CA ALA B 344 18.91 -18.11 8.21
C ALA B 344 18.31 -18.28 9.59
N SER B 345 19.06 -17.82 10.57
CA SER B 345 18.64 -17.92 11.95
C SER B 345 17.29 -17.31 12.19
N GLY B 346 17.13 -16.10 11.67
CA GLY B 346 15.86 -15.38 11.87
C GLY B 346 14.65 -15.99 11.15
N VAL B 347 14.95 -16.46 9.95
CA VAL B 347 13.90 -17.03 9.10
C VAL B 347 13.41 -18.28 9.81
N ILE B 348 14.37 -19.07 10.30
CA ILE B 348 14.07 -20.36 10.99
C ILE B 348 13.33 -20.10 12.25
N TRP B 349 13.78 -19.05 12.95
CA TRP B 349 13.09 -18.65 14.17
C TRP B 349 11.62 -18.31 13.76
N ALA B 350 11.40 -17.55 12.67
CA ALA B 350 10.00 -17.28 12.28
C ALA B 350 9.21 -18.54 11.97
N GLN B 351 9.86 -19.39 11.20
CA GLN B 351 9.22 -20.64 10.85
C GLN B 351 8.82 -21.37 12.12
N SER B 352 9.72 -21.32 13.08
CA SER B 352 9.46 -22.03 14.33
C SER B 352 8.18 -21.55 15.06
N LYS B 353 7.84 -20.29 14.85
CA LYS B 353 6.65 -19.72 15.48
C LYS B 353 5.43 -20.48 14.94
N PHE B 354 5.53 -21.02 13.73
CA PHE B 354 4.37 -21.73 13.21
C PHE B 354 4.49 -23.22 13.38
N GLY B 355 5.43 -23.65 14.21
CA GLY B 355 5.65 -25.09 14.34
C GLY B 355 4.97 -25.74 15.54
PG ATP C . -14.66 3.20 -20.84
O1G ATP C . -14.85 1.79 -20.28
O2G ATP C . -13.32 3.35 -21.69
O3G ATP C . -14.70 4.22 -19.76
PB ATP C . -16.13 3.60 -23.16
O1B ATP C . -16.54 5.06 -23.44
O2B ATP C . -14.92 3.03 -23.86
O3B ATP C . -16.06 3.32 -21.62
PA ATP C . -17.71 1.16 -23.57
O1A ATP C . -17.64 0.80 -25.04
O2A ATP C . -16.66 0.46 -22.79
O3A ATP C . -17.38 2.72 -23.60
O5' ATP C . -19.25 1.19 -23.06
C5' ATP C . -19.61 1.51 -21.67
C4' ATP C . -20.64 0.48 -21.19
O4' ATP C . -21.70 0.54 -22.17
C3' ATP C . -20.25 -1.01 -21.33
O3' ATP C . -19.48 -1.44 -20.20
C2' ATP C . -21.65 -1.61 -21.33
O2' ATP C . -22.32 -1.35 -20.11
C1' ATP C . -22.38 -0.68 -22.29
N9 ATP C . -22.20 -1.14 -23.66
C8 ATP C . -21.17 -0.84 -24.50
N7 ATP C . -21.32 -1.49 -25.67
C5 ATP C . -22.50 -2.24 -25.57
C6 ATP C . -23.16 -3.10 -26.53
N6 ATP C . -22.80 -3.33 -27.71
N1 ATP C . -24.33 -3.55 -26.00
C2 ATP C . -24.82 -3.28 -24.75
N3 ATP C . -24.24 -2.52 -23.86
C4 ATP C . -23.07 -2.00 -24.33
MG MG D . -15.34 0.09 -21.28
MG MG E . -13.28 2.38 -23.28
PG ATP F . 16.39 0.02 19.62
O1G ATP F . 15.22 -0.95 19.90
O2G ATP F . 16.15 1.57 19.97
O3G ATP F . 16.95 -0.07 18.24
PB ATP F . 18.10 0.23 21.86
O1B ATP F . 19.51 0.67 21.49
O2B ATP F . 17.15 1.18 22.53
O3B ATP F . 17.52 -0.53 20.62
PA ATP F . 17.25 -1.76 23.81
O1A ATP F . 17.24 -1.17 25.19
O2A ATP F . 15.91 -1.83 23.14
O3A ATP F . 18.29 -0.96 22.91
O5' ATP F . 18.03 -3.15 23.74
C5' ATP F . 17.98 -3.87 22.49
C4' ATP F . 17.90 -5.31 23.01
O4' ATP F . 18.88 -5.71 24.02
C3' ATP F . 16.58 -5.74 23.66
O3' ATP F . 15.56 -5.86 22.64
C2' ATP F . 17.07 -7.09 24.22
O2' ATP F . 17.34 -8.09 23.21
C1' ATP F . 18.38 -6.67 24.87
N9 ATP F . 18.24 -6.08 26.21
C8 ATP F . 18.07 -4.75 26.49
N7 ATP F . 17.96 -4.55 27.82
C5 ATP F . 18.06 -5.81 28.42
C6 ATP F . 18.00 -6.21 29.78
N6 ATP F . 17.91 -5.47 30.81
N1 ATP F . 18.13 -7.58 29.91
C2 ATP F . 18.34 -8.47 28.90
N3 ATP F . 18.37 -8.10 27.65
C4 ATP F . 18.26 -6.76 27.43
MG MG G . 14.62 -1.61 21.71
MG MG H . 15.58 2.06 21.83
#